data_6TT4
#
_entry.id   6TT4
#
_cell.length_a   74.371
_cell.length_b   78.825
_cell.length_c   89.686
_cell.angle_alpha   92.433
_cell.angle_beta   105.966
_cell.angle_gamma   114.603
#
_symmetry.space_group_name_H-M   'P 1'
#
loop_
_entity.id
_entity.type
_entity.pdbx_description
1 polymer 'Angiotensin-converting enzyme'
2 branched beta-D-mannopyranose-(1-4)-2-acetamido-2-deoxy-beta-D-glucopyranose-(1-4)-2-acetamido-2-deoxy-beta-D-glucopyranose
3 branched 2-acetamido-2-deoxy-beta-D-glucopyranose-(1-4)-[alpha-L-fucopyranose-(1-6)]2-acetamido-2-deoxy-beta-D-glucopyranose
4 branched 2-acetamido-2-deoxy-beta-D-glucopyranose-(1-4)-2-acetamido-2-deoxy-beta-D-glucopyranose
5 branched alpha-D-mannopyranose-(1-3)-beta-D-mannopyranose-(1-4)-2-acetamido-2-deoxy-beta-D-glucopyranose-(1-4)-[alpha-L-fucopyranose-(1-6)]2-acetamido-2-deoxy-beta-D-glucopyranose
6 branched alpha-L-fucopyranose-(1-6)-2-acetamido-2-deoxy-beta-D-glucopyranose
7 non-polymer 2-acetamido-2-deoxy-beta-D-glucopyranose
8 non-polymer 'ZINC ION'
9 non-polymer Omapatrilat
10 non-polymer 'CHLORIDE ION'
11 non-polymer 3,6,9,12,15,18,21,24,27-NONAOXANONACOSANE-1,29-DIOL
12 non-polymer 'TRIETHYLENE GLYCOL'
13 non-polymer 1,2-ETHANEDIOL
14 non-polymer DI(HYDROXYETHYL)ETHER
15 non-polymer BICINE
16 non-polymer 'BORIC ACID'
17 water water
#
_entity_poly.entity_id   1
_entity_poly.type   'polypeptide(L)'
_entity_poly.pdbx_seq_one_letter_code
;LDPGLQPGQFSADEAGAQLFAQSYQSSAEQVLFQSVAASWAHDTNITAENARRQEEAALLSQEFAEAWGQKAKELYEPIW
QQFTDPQLRRIIGAVRTLGSANLPLAKRQQYNALLSQMSRIYSTAKVCLPQKTATCWSLDPDLTNILASSRSYAMLLFAW
EGWHNAAGIPLKPLYEDFTALSNEAYKQDGFTDTGAYWRSWYNSPTFEDDLEHLYQQLEPLYLNLHAFVRRALHRRYGDR
YINLRGPIPAHLLGDMWAQTWSNIYDMVVPFPDKPNLDVTSTMLQQGWQATHMFRVAEEFFTSLELSPMPPEFWEGSMLE
KPADGREVVCHASAWDFYNRKDFRIKQCTRVTMEQLVVVHHEMGHIQYFLQYKDLPVSLREGANPGFHEAIGDVLALSVS
TPEHLHKIGLLDRVTNDTESDINYLLKMALDKIAFLPFGYLVDQWRWGVFSGRTPPSRYNFDWWYLRTKYQGICPPVTRN
ETHFDAGAKFHVPNVTPYIRYFVSFVLQFQFHEALCKEAGYEGPLHQCDIYRSTKAGAKLRKVLRAGSSRPWQEVLKDMV
GLDALDAQPLLKYFQLVTQWLQEQNQQNGEVLGWPEYQWHPPLPDNYPEGIDLVTDEAEASKFVEEYDL
;
_entity_poly.pdbx_strand_id   A,B
#
# COMPACT_ATOMS: atom_id res chain seq x y z
N LEU A 1 -30.34 5.97 -33.68
CA LEU A 1 -29.72 4.83 -34.42
C LEU A 1 -30.57 4.39 -35.61
N ASP A 2 -29.92 4.41 -36.77
CA ASP A 2 -30.42 3.88 -38.04
C ASP A 2 -31.13 2.55 -37.86
N PRO A 3 -32.34 2.37 -38.43
CA PRO A 3 -33.02 1.07 -38.28
C PRO A 3 -32.19 -0.11 -38.75
N GLY A 4 -31.39 0.09 -39.81
CA GLY A 4 -30.59 -0.99 -40.34
C GLY A 4 -29.54 -1.50 -39.37
N LEU A 5 -29.20 -0.70 -38.36
CA LEU A 5 -28.20 -1.05 -37.37
C LEU A 5 -28.80 -1.58 -36.07
N GLN A 6 -30.12 -1.80 -36.02
CA GLN A 6 -30.71 -2.26 -34.77
C GLN A 6 -30.88 -3.77 -34.76
N PRO A 7 -30.67 -4.41 -33.60
CA PRO A 7 -30.77 -5.87 -33.55
C PRO A 7 -32.22 -6.31 -33.71
N GLY A 8 -32.39 -7.46 -34.39
CA GLY A 8 -33.68 -8.11 -34.48
C GLY A 8 -33.95 -8.97 -33.27
N GLN A 9 -34.80 -9.98 -33.45
CA GLN A 9 -35.16 -10.93 -32.41
C GLN A 9 -34.42 -12.24 -32.63
N PHE A 10 -33.88 -12.79 -31.54
CA PHE A 10 -33.13 -14.05 -31.56
C PHE A 10 -33.56 -14.89 -30.36
N SER A 11 -33.55 -16.22 -30.53
CA SER A 11 -33.93 -17.11 -29.44
C SER A 11 -32.87 -17.07 -28.33
N ALA A 12 -33.31 -17.42 -27.13
CA ALA A 12 -32.46 -17.30 -25.94
C ALA A 12 -31.69 -18.59 -25.66
N ASP A 13 -31.04 -19.14 -26.67
CA ASP A 13 -30.25 -20.35 -26.52
C ASP A 13 -28.96 -20.20 -27.31
N GLU A 14 -28.12 -21.25 -27.30
CA GLU A 14 -26.82 -21.14 -27.96
C GLU A 14 -26.96 -21.00 -29.47
N ALA A 15 -27.96 -21.64 -30.07
CA ALA A 15 -28.16 -21.51 -31.51
C ALA A 15 -28.58 -20.09 -31.87
N GLY A 16 -29.42 -19.48 -31.04
CA GLY A 16 -29.78 -18.10 -31.26
C GLY A 16 -28.59 -17.16 -31.13
N ALA A 17 -27.73 -17.44 -30.16
CA ALA A 17 -26.57 -16.59 -29.94
C ALA A 17 -25.61 -16.63 -31.14
N GLN A 18 -25.54 -17.77 -31.84
CA GLN A 18 -24.71 -17.82 -33.05
C GLN A 18 -25.22 -16.85 -34.10
N LEU A 19 -26.55 -16.78 -34.29
CA LEU A 19 -27.12 -15.90 -35.29
C LEU A 19 -27.05 -14.45 -34.83
N PHE A 20 -27.23 -14.21 -33.53
CA PHE A 20 -27.03 -12.88 -32.96
C PHE A 20 -25.62 -12.38 -33.24
N ALA A 21 -24.62 -13.20 -32.97
CA ALA A 21 -23.23 -12.79 -33.16
C ALA A 21 -22.94 -12.47 -34.63
N GLN A 22 -23.46 -13.30 -35.55
CA GLN A 22 -23.31 -13.02 -36.98
C GLN A 22 -23.95 -11.69 -37.37
N SER A 23 -25.18 -11.46 -36.89
CA SER A 23 -25.87 -10.22 -37.21
C SER A 23 -25.13 -9.01 -36.66
N TYR A 24 -24.56 -9.16 -35.46
CA TYR A 24 -23.79 -8.07 -34.86
C TYR A 24 -22.60 -7.68 -35.74
N GLN A 25 -21.75 -8.67 -36.06
CA GLN A 25 -20.59 -8.45 -36.94
C GLN A 25 -20.94 -7.79 -38.26
N SER A 26 -22.11 -8.13 -38.81
CA SER A 26 -22.49 -7.61 -40.11
C SER A 26 -22.74 -6.11 -40.07
N SER A 27 -23.08 -5.56 -38.91
CA SER A 27 -23.24 -4.11 -38.80
C SER A 27 -22.05 -3.40 -38.16
N ALA A 28 -21.20 -4.12 -37.42
CA ALA A 28 -20.24 -3.44 -36.54
C ALA A 28 -19.08 -2.83 -37.31
N GLU A 29 -18.67 -3.42 -38.46
CA GLU A 29 -17.54 -2.86 -39.18
C GLU A 29 -17.78 -1.40 -39.59
N GLN A 30 -19.00 -1.07 -40.01
N GLN A 30 -19.00 -1.10 -40.05
CA GLN A 30 -19.24 0.30 -40.45
CA GLN A 30 -19.34 0.27 -40.44
C GLN A 30 -19.30 1.28 -39.28
C GLN A 30 -19.20 1.23 -39.26
N VAL A 31 -19.73 0.82 -38.09
CA VAL A 31 -19.73 1.69 -36.92
C VAL A 31 -18.32 1.88 -36.38
N LEU A 32 -17.56 0.79 -36.30
CA LEU A 32 -16.16 0.90 -35.92
C LEU A 32 -15.37 1.78 -36.90
N PHE A 33 -15.61 1.62 -38.20
CA PHE A 33 -14.85 2.40 -39.18
C PHE A 33 -15.05 3.90 -38.97
N GLN A 34 -16.30 4.34 -38.82
CA GLN A 34 -16.52 5.78 -38.75
C GLN A 34 -15.87 6.38 -37.52
N SER A 35 -15.81 5.61 -36.43
CA SER A 35 -15.17 6.08 -35.22
C SER A 35 -13.65 6.16 -35.38
N VAL A 36 -13.02 5.18 -36.02
CA VAL A 36 -11.56 5.27 -36.21
C VAL A 36 -11.23 6.43 -37.13
N ALA A 37 -11.98 6.58 -38.22
CA ALA A 37 -11.74 7.66 -39.19
C ALA A 37 -11.77 9.02 -38.52
N ALA A 38 -12.78 9.25 -37.68
CA ALA A 38 -12.92 10.52 -36.98
C ALA A 38 -11.80 10.75 -35.99
N SER A 39 -11.36 9.69 -35.27
CA SER A 39 -10.19 9.81 -34.39
C SER A 39 -8.91 10.08 -35.16
N TRP A 40 -8.76 9.50 -36.36
CA TRP A 40 -7.57 9.76 -37.18
C TRP A 40 -7.54 11.22 -37.62
N ALA A 41 -8.69 11.73 -38.06
CA ALA A 41 -8.78 13.13 -38.48
C ALA A 41 -8.37 14.09 -37.36
N HIS A 42 -8.72 13.74 -36.11
CA HIS A 42 -8.40 14.59 -34.96
C HIS A 42 -6.91 14.50 -34.60
N ASP A 43 -6.38 13.27 -34.43
CA ASP A 43 -5.01 13.11 -33.93
C ASP A 43 -3.96 13.58 -34.94
N THR A 44 -4.30 13.66 -36.22
CA THR A 44 -3.39 14.21 -37.23
C THR A 44 -3.70 15.68 -37.53
N ASN A 45 -4.63 16.29 -36.79
CA ASN A 45 -5.03 17.68 -37.05
C ASN A 45 -5.89 18.15 -35.90
N ILE A 46 -5.27 18.47 -34.76
CA ILE A 46 -5.99 18.78 -33.53
C ILE A 46 -6.68 20.13 -33.69
N THR A 47 -8.00 20.14 -33.82
CA THR A 47 -8.78 21.39 -33.86
C THR A 47 -10.06 21.20 -33.07
N ALA A 48 -10.67 22.31 -32.65
CA ALA A 48 -11.93 22.21 -31.93
C ALA A 48 -13.01 21.56 -32.78
N GLU A 49 -13.00 21.84 -34.09
CA GLU A 49 -14.03 21.25 -34.95
C GLU A 49 -13.79 19.76 -35.13
N ASN A 50 -12.53 19.33 -35.18
CA ASN A 50 -12.25 17.91 -35.37
C ASN A 50 -12.50 17.12 -34.09
N ALA A 51 -12.33 17.75 -32.91
CA ALA A 51 -12.75 17.14 -31.65
C ALA A 51 -14.26 16.96 -31.63
N ARG A 52 -15.00 17.96 -32.12
CA ARG A 52 -16.45 17.91 -32.12
C ARG A 52 -16.98 16.79 -33.01
N ARG A 53 -16.33 16.55 -34.15
CA ARG A 53 -16.75 15.46 -35.02
C ARG A 53 -16.38 14.10 -34.42
N GLN A 54 -15.27 14.06 -33.70
CA GLN A 54 -14.83 12.83 -33.05
C GLN A 54 -15.79 12.46 -31.93
N GLU A 55 -16.25 13.45 -31.15
CA GLU A 55 -17.21 13.19 -30.07
C GLU A 55 -18.57 12.76 -30.62
N GLU A 56 -18.96 13.33 -31.77
CA GLU A 56 -20.19 12.91 -32.44
C GLU A 56 -20.12 11.45 -32.90
N ALA A 57 -18.98 11.04 -33.45
CA ALA A 57 -18.82 9.65 -33.87
C ALA A 57 -18.77 8.72 -32.65
N ALA A 58 -18.14 9.16 -31.56
CA ALA A 58 -18.13 8.37 -30.34
C ALA A 58 -19.54 8.13 -29.81
N LEU A 59 -20.41 9.15 -29.91
CA LEU A 59 -21.80 9.00 -29.44
C LEU A 59 -22.56 7.97 -30.26
N LEU A 60 -22.34 7.96 -31.58
CA LEU A 60 -23.00 6.95 -32.41
C LEU A 60 -22.56 5.55 -32.02
N SER A 61 -21.27 5.36 -31.75
CA SER A 61 -20.79 4.03 -31.35
C SER A 61 -21.40 3.63 -30.02
N GLN A 62 -21.59 4.58 -29.10
CA GLN A 62 -22.23 4.26 -27.83
C GLN A 62 -23.70 3.87 -28.00
N GLU A 63 -24.44 4.55 -28.89
CA GLU A 63 -25.80 4.11 -29.18
C GLU A 63 -25.81 2.68 -29.71
N PHE A 64 -24.87 2.37 -30.60
CA PHE A 64 -24.80 1.03 -31.17
C PHE A 64 -24.47 -0.01 -30.10
N ALA A 65 -23.47 0.28 -29.26
CA ALA A 65 -23.11 -0.61 -28.16
C ALA A 65 -24.26 -0.80 -27.17
N GLU A 66 -25.08 0.22 -26.96
CA GLU A 66 -26.20 0.09 -26.03
C GLU A 66 -27.30 -0.82 -26.59
N ALA A 67 -27.66 -0.63 -27.86
CA ALA A 67 -28.73 -1.42 -28.45
C ALA A 67 -28.37 -2.91 -28.48
N TRP A 68 -27.16 -3.24 -28.93
CA TRP A 68 -26.74 -4.64 -29.01
C TRP A 68 -26.36 -5.20 -27.64
N GLY A 69 -25.75 -4.38 -26.78
CA GLY A 69 -25.32 -4.87 -25.48
C GLY A 69 -26.49 -5.21 -24.58
N GLN A 70 -27.54 -4.38 -24.59
CA GLN A 70 -28.73 -4.65 -23.80
C GLN A 70 -29.43 -5.92 -24.27
N LYS A 71 -29.60 -6.06 -25.59
CA LYS A 71 -30.23 -7.25 -26.15
C LYS A 71 -29.43 -8.49 -25.77
N ALA A 72 -28.10 -8.44 -25.90
CA ALA A 72 -27.27 -9.57 -25.50
C ALA A 72 -27.45 -9.91 -24.03
N LYS A 73 -27.42 -8.89 -23.16
CA LYS A 73 -27.58 -9.15 -21.73
C LYS A 73 -28.96 -9.75 -21.44
N GLU A 74 -30.00 -9.18 -22.05
CA GLU A 74 -31.36 -9.67 -21.84
C GLU A 74 -31.52 -11.13 -22.25
N LEU A 75 -30.87 -11.55 -23.35
CA LEU A 75 -31.06 -12.90 -23.88
C LEU A 75 -30.11 -13.93 -23.29
N TYR A 76 -28.90 -13.55 -22.89
CA TYR A 76 -27.85 -14.54 -22.68
C TYR A 76 -27.05 -14.41 -21.38
N GLU A 77 -27.32 -13.40 -20.53
CA GLU A 77 -26.45 -13.18 -19.36
C GLU A 77 -26.34 -14.40 -18.44
N PRO A 78 -27.41 -15.14 -18.13
CA PRO A 78 -27.26 -16.30 -17.26
C PRO A 78 -26.50 -17.49 -17.88
N ILE A 79 -26.32 -17.52 -19.20
CA ILE A 79 -25.96 -18.78 -19.87
C ILE A 79 -24.72 -18.70 -20.75
N TRP A 80 -24.30 -17.53 -21.24
CA TRP A 80 -23.26 -17.50 -22.26
C TRP A 80 -21.98 -18.17 -21.78
N GLN A 81 -21.73 -18.13 -20.46
CA GLN A 81 -20.51 -18.73 -19.93
C GLN A 81 -20.51 -20.26 -20.02
N GLN A 82 -21.66 -20.88 -20.30
CA GLN A 82 -21.73 -22.34 -20.49
C GLN A 82 -21.73 -22.78 -21.95
N PHE A 83 -21.73 -21.85 -22.90
CA PHE A 83 -21.81 -22.26 -24.30
C PHE A 83 -20.63 -23.17 -24.65
N THR A 84 -20.88 -24.12 -25.56
CA THR A 84 -19.87 -25.07 -26.01
C THR A 84 -18.83 -24.46 -26.95
N ASP A 85 -19.15 -23.34 -27.62
CA ASP A 85 -18.27 -22.77 -28.62
C ASP A 85 -17.43 -21.70 -27.94
N PRO A 86 -16.12 -21.88 -27.82
CA PRO A 86 -15.32 -20.88 -27.08
C PRO A 86 -15.16 -19.57 -27.82
N GLN A 87 -15.19 -19.56 -29.15
CA GLN A 87 -15.21 -18.28 -29.86
C GLN A 87 -16.53 -17.55 -29.61
N LEU A 88 -17.64 -18.29 -29.53
CA LEU A 88 -18.92 -17.66 -29.24
C LEU A 88 -18.93 -17.06 -27.85
N ARG A 89 -18.36 -17.76 -26.86
CA ARG A 89 -18.26 -17.20 -25.52
C ARG A 89 -17.49 -15.88 -25.53
N ARG A 90 -16.38 -15.82 -26.26
N ARG A 90 -16.35 -15.85 -26.23
CA ARG A 90 -15.56 -14.61 -26.27
CA ARG A 90 -15.56 -14.62 -26.31
C ARG A 90 -16.30 -13.45 -26.91
C ARG A 90 -16.37 -13.46 -26.86
N ILE A 91 -17.12 -13.70 -27.93
CA ILE A 91 -17.88 -12.63 -28.59
C ILE A 91 -19.03 -12.15 -27.72
N ILE A 92 -19.86 -13.07 -27.22
CA ILE A 92 -21.03 -12.67 -26.43
C ILE A 92 -20.57 -12.00 -25.13
N GLY A 93 -19.50 -12.51 -24.52
CA GLY A 93 -18.99 -11.91 -23.31
C GLY A 93 -18.54 -10.48 -23.49
N ALA A 94 -18.08 -10.13 -24.70
CA ALA A 94 -17.67 -8.76 -24.98
C ALA A 94 -18.85 -7.85 -25.20
N VAL A 95 -19.87 -8.34 -25.93
CA VAL A 95 -21.00 -7.49 -26.31
C VAL A 95 -21.85 -7.13 -25.10
N ARG A 96 -21.94 -7.99 -24.08
CA ARG A 96 -22.75 -7.68 -22.91
C ARG A 96 -22.07 -6.69 -21.96
N THR A 97 -20.81 -6.32 -22.21
CA THR A 97 -20.13 -5.29 -21.42
C THR A 97 -20.20 -3.96 -22.20
N LEU A 98 -21.04 -3.05 -21.72
CA LEU A 98 -21.32 -1.80 -22.44
C LEU A 98 -20.32 -0.67 -22.15
N GLY A 99 -19.67 -0.69 -21.00
CA GLY A 99 -18.72 0.37 -20.70
C GLY A 99 -19.42 1.72 -20.65
N SER A 100 -18.86 2.72 -21.34
CA SER A 100 -19.41 4.08 -21.29
C SER A 100 -20.82 4.17 -21.84
N ALA A 101 -21.24 3.23 -22.68
CA ALA A 101 -22.62 3.20 -23.14
C ALA A 101 -23.62 2.96 -21.99
N ASN A 102 -23.16 2.60 -20.78
CA ASN A 102 -24.05 2.50 -19.63
C ASN A 102 -24.46 3.87 -19.10
N LEU A 103 -23.77 4.91 -19.48
CA LEU A 103 -24.03 6.23 -18.92
C LEU A 103 -25.24 6.86 -19.61
N PRO A 104 -26.01 7.66 -18.88
CA PRO A 104 -27.06 8.45 -19.53
C PRO A 104 -26.45 9.50 -20.45
N LEU A 105 -27.25 9.96 -21.40
CA LEU A 105 -26.72 10.73 -22.51
C LEU A 105 -25.88 11.91 -22.04
N ALA A 106 -26.36 12.66 -21.05
CA ALA A 106 -25.62 13.84 -20.63
C ALA A 106 -24.23 13.47 -20.12
N LYS A 107 -24.14 12.38 -19.36
CA LYS A 107 -22.84 11.92 -18.86
C LYS A 107 -21.97 11.30 -19.95
N ARG A 108 -22.59 10.68 -20.96
CA ARG A 108 -21.85 10.24 -22.14
C ARG A 108 -21.09 11.39 -22.80
N GLN A 109 -21.79 12.53 -22.99
CA GLN A 109 -21.16 13.69 -23.61
C GLN A 109 -20.06 14.26 -22.74
N GLN A 110 -20.30 14.35 -21.42
CA GLN A 110 -19.25 14.79 -20.51
C GLN A 110 -18.02 13.92 -20.64
N TYR A 111 -18.23 12.60 -20.70
CA TYR A 111 -17.14 11.65 -20.81
C TYR A 111 -16.36 11.85 -22.11
N ASN A 112 -17.06 11.88 -23.24
CA ASN A 112 -16.38 12.07 -24.52
C ASN A 112 -15.60 13.37 -24.57
N ALA A 113 -16.14 14.44 -23.97
CA ALA A 113 -15.44 15.72 -24.03
C ALA A 113 -14.21 15.72 -23.14
N LEU A 114 -14.28 15.02 -21.99
CA LEU A 114 -13.11 14.91 -21.12
C LEU A 114 -11.95 14.23 -21.84
N LEU A 115 -12.22 13.16 -22.59
CA LEU A 115 -11.16 12.51 -23.34
C LEU A 115 -10.55 13.46 -24.38
N SER A 116 -11.40 14.21 -25.09
CA SER A 116 -10.91 15.19 -26.06
C SER A 116 -10.00 16.22 -25.40
N GLN A 117 -10.43 16.77 -24.26
CA GLN A 117 -9.66 17.86 -23.67
C GLN A 117 -8.38 17.35 -23.01
N MET A 118 -8.40 16.15 -22.41
CA MET A 118 -7.15 15.62 -21.87
C MET A 118 -6.14 15.36 -22.97
N SER A 119 -6.58 14.83 -24.12
CA SER A 119 -5.67 14.59 -25.25
C SER A 119 -5.09 15.90 -25.77
N ARG A 120 -5.93 16.91 -25.99
CA ARG A 120 -5.42 18.20 -26.45
C ARG A 120 -4.40 18.76 -25.47
N ILE A 121 -4.71 18.74 -24.17
CA ILE A 121 -3.79 19.32 -23.21
C ILE A 121 -2.42 18.65 -23.30
N TYR A 122 -2.39 17.32 -23.41
CA TYR A 122 -1.10 16.61 -23.36
C TYR A 122 -0.29 16.89 -24.62
N SER A 123 -0.93 16.78 -25.79
CA SER A 123 -0.22 16.84 -27.05
C SER A 123 0.09 18.26 -27.52
N THR A 124 -0.44 19.31 -26.87
CA THR A 124 -0.13 20.69 -27.27
C THR A 124 0.61 21.49 -26.19
N ALA A 125 0.97 20.88 -25.06
CA ALA A 125 1.67 21.61 -24.02
C ALA A 125 3.08 21.98 -24.47
N LYS A 126 3.52 23.20 -24.07
CA LYS A 126 4.81 23.75 -24.44
C LYS A 126 5.57 24.23 -23.20
N VAL A 127 6.89 24.24 -23.31
CA VAL A 127 7.77 24.85 -22.31
C VAL A 127 8.40 26.09 -22.94
N CYS A 128 8.03 27.26 -22.43
CA CYS A 128 8.58 28.52 -22.91
C CYS A 128 9.69 29.02 -21.98
N LEU A 129 10.57 29.81 -22.54
CA LEU A 129 11.74 30.33 -21.88
C LEU A 129 11.50 31.74 -21.37
N PRO A 130 12.26 32.19 -20.36
CA PRO A 130 12.07 33.53 -19.79
C PRO A 130 12.49 34.66 -20.73
N THR A 135 8.38 30.50 -30.12
CA THR A 135 9.64 30.49 -29.36
C THR A 135 9.65 29.41 -28.28
N CYS A 136 8.59 28.60 -28.21
CA CYS A 136 8.41 27.65 -27.12
C CYS A 136 8.66 26.23 -27.61
N TRP A 137 9.03 25.35 -26.68
CA TRP A 137 9.51 24.01 -27.00
C TRP A 137 8.40 22.97 -26.86
N SER A 138 8.29 22.11 -27.87
CA SER A 138 7.41 20.95 -27.83
C SER A 138 8.12 19.76 -27.17
N LEU A 139 7.32 18.81 -26.66
CA LEU A 139 7.90 17.57 -26.13
C LEU A 139 8.66 16.82 -27.22
N ASP A 140 8.04 16.64 -28.38
CA ASP A 140 8.66 15.87 -29.47
C ASP A 140 8.75 16.78 -30.69
N PRO A 141 9.95 17.18 -31.12
CA PRO A 141 11.28 16.69 -30.74
C PRO A 141 12.04 17.49 -29.68
N ASP A 142 11.63 18.71 -29.38
CA ASP A 142 12.52 19.64 -28.68
C ASP A 142 12.95 19.10 -27.31
N LEU A 143 11.99 18.84 -26.41
CA LEU A 143 12.38 18.44 -25.07
C LEU A 143 12.98 17.04 -25.06
N THR A 144 12.47 16.13 -25.90
CA THR A 144 13.07 14.80 -26.05
C THR A 144 14.55 14.89 -26.35
N ASN A 145 14.93 15.80 -27.27
CA ASN A 145 16.33 15.90 -27.69
C ASN A 145 17.19 16.46 -26.56
N ILE A 146 16.67 17.45 -25.82
CA ILE A 146 17.39 17.95 -24.65
C ILE A 146 17.64 16.84 -23.64
N LEU A 147 16.60 16.10 -23.24
CA LEU A 147 16.80 15.06 -22.23
C LEU A 147 17.80 14.01 -22.69
N ALA A 148 17.87 13.76 -24.01
CA ALA A 148 18.74 12.71 -24.52
C ALA A 148 20.19 13.15 -24.65
N SER A 149 20.44 14.41 -25.01
CA SER A 149 21.79 14.82 -25.38
C SER A 149 22.45 15.83 -24.44
N SER A 150 21.69 16.65 -23.70
CA SER A 150 22.32 17.63 -22.84
C SER A 150 22.94 16.96 -21.61
N ARG A 151 24.08 17.47 -21.17
CA ARG A 151 24.75 17.00 -19.95
C ARG A 151 24.98 18.13 -18.96
N SER A 152 24.20 19.20 -19.07
CA SER A 152 24.19 20.30 -18.12
C SER A 152 23.06 20.07 -17.12
N TYR A 153 23.43 19.83 -15.86
CA TYR A 153 22.44 19.56 -14.82
C TYR A 153 21.28 20.55 -14.86
N ALA A 154 21.56 21.84 -15.03
CA ALA A 154 20.51 22.86 -14.93
C ALA A 154 19.63 22.91 -16.17
N MET A 155 20.18 22.65 -17.35
CA MET A 155 19.31 22.60 -18.53
C MET A 155 18.37 21.41 -18.46
N LEU A 156 18.87 20.25 -18.04
CA LEU A 156 18.03 19.07 -17.87
C LEU A 156 16.92 19.34 -16.85
N LEU A 157 17.27 19.99 -15.75
CA LEU A 157 16.28 20.32 -14.72
C LEU A 157 15.22 21.26 -15.28
N PHE A 158 15.64 22.27 -16.04
CA PHE A 158 14.68 23.21 -16.59
C PHE A 158 13.66 22.51 -17.50
N ALA A 159 14.13 21.57 -18.32
CA ALA A 159 13.23 20.88 -19.25
C ALA A 159 12.30 19.93 -18.51
N TRP A 160 12.85 19.14 -17.57
CA TRP A 160 12.06 18.19 -16.78
C TRP A 160 11.00 18.88 -15.94
N GLU A 161 11.40 19.85 -15.11
CA GLU A 161 10.42 20.61 -14.34
C GLU A 161 9.41 21.28 -15.25
N GLY A 162 9.90 21.93 -16.31
CA GLY A 162 8.98 22.67 -17.16
C GLY A 162 7.95 21.77 -17.80
N TRP A 163 8.35 20.56 -18.22
CA TRP A 163 7.40 19.66 -18.87
C TRP A 163 6.38 19.14 -17.86
N HIS A 164 6.83 18.71 -16.69
CA HIS A 164 5.90 18.14 -15.73
C HIS A 164 4.88 19.20 -15.24
N ASN A 165 5.31 20.45 -15.04
CA ASN A 165 4.35 21.49 -14.65
C ASN A 165 3.36 21.79 -15.78
N ALA A 166 3.86 21.95 -17.01
CA ALA A 166 3.02 22.34 -18.13
C ALA A 166 1.92 21.32 -18.43
N ALA A 167 2.27 20.03 -18.42
CA ALA A 167 1.30 18.99 -18.78
C ALA A 167 0.46 18.53 -17.60
N GLY A 168 1.08 18.36 -16.44
CA GLY A 168 0.38 17.74 -15.30
C GLY A 168 -0.63 18.63 -14.62
N ILE A 169 -0.20 19.83 -14.22
CA ILE A 169 -1.05 20.69 -13.39
C ILE A 169 -2.44 20.87 -13.99
N PRO A 170 -2.60 21.31 -15.24
CA PRO A 170 -3.95 21.51 -15.77
C PRO A 170 -4.73 20.22 -16.00
N LEU A 171 -4.07 19.06 -16.07
CA LEU A 171 -4.79 17.80 -16.30
C LEU A 171 -5.54 17.31 -15.06
N LYS A 172 -5.11 17.70 -13.85
CA LYS A 172 -5.60 17.03 -12.65
C LYS A 172 -7.11 17.11 -12.46
N PRO A 173 -7.77 18.28 -12.60
CA PRO A 173 -9.23 18.29 -12.34
C PRO A 173 -10.04 17.49 -13.34
N LEU A 174 -9.58 17.42 -14.60
CA LEU A 174 -10.24 16.59 -15.60
C LEU A 174 -10.07 15.11 -15.29
N TYR A 175 -8.87 14.72 -14.84
CA TYR A 175 -8.62 13.31 -14.58
C TYR A 175 -9.46 12.79 -13.41
N GLU A 176 -9.74 13.64 -12.39
CA GLU A 176 -10.63 13.23 -11.32
C GLU A 176 -12.03 12.96 -11.84
N ASP A 177 -12.54 13.86 -12.69
CA ASP A 177 -13.88 13.68 -13.25
C ASP A 177 -13.94 12.46 -14.16
N PHE A 178 -12.86 12.21 -14.91
CA PHE A 178 -12.82 11.04 -15.79
C PHE A 178 -12.89 9.75 -14.97
N THR A 179 -12.10 9.67 -13.91
CA THR A 179 -12.08 8.48 -13.06
C THR A 179 -13.46 8.14 -12.50
N ALA A 180 -14.17 9.14 -11.97
CA ALA A 180 -15.50 8.91 -11.41
C ALA A 180 -16.48 8.38 -12.47
N LEU A 181 -16.46 8.96 -13.68
CA LEU A 181 -17.40 8.55 -14.70
C LEU A 181 -17.06 7.16 -15.25
N SER A 182 -15.76 6.89 -15.39
CA SER A 182 -15.35 5.56 -15.85
C SER A 182 -15.82 4.47 -14.89
N ASN A 183 -15.63 4.70 -13.58
CA ASN A 183 -16.06 3.73 -12.56
C ASN A 183 -17.57 3.54 -12.55
N GLU A 184 -18.33 4.63 -12.62
CA GLU A 184 -19.78 4.54 -12.69
C GLU A 184 -20.23 3.68 -13.87
N ALA A 185 -19.56 3.82 -15.01
CA ALA A 185 -19.93 3.08 -16.21
C ALA A 185 -19.68 1.58 -16.05
N TYR A 186 -18.47 1.19 -15.66
CA TYR A 186 -18.13 -0.24 -15.61
C TYR A 186 -18.72 -0.94 -14.40
N LYS A 187 -19.12 -0.20 -13.37
CA LYS A 187 -19.79 -0.86 -12.23
C LYS A 187 -21.11 -1.46 -12.66
N GLN A 188 -21.75 -0.90 -13.69
CA GLN A 188 -22.99 -1.48 -14.22
C GLN A 188 -22.74 -2.71 -15.08
N ASP A 189 -21.50 -3.01 -15.42
CA ASP A 189 -21.13 -4.26 -16.08
C ASP A 189 -20.71 -5.34 -15.09
N GLY A 190 -20.76 -5.05 -13.79
CA GLY A 190 -20.43 -6.02 -12.77
C GLY A 190 -19.02 -5.97 -12.23
N PHE A 191 -18.23 -4.98 -12.64
CA PHE A 191 -16.85 -4.85 -12.18
C PHE A 191 -16.79 -3.86 -11.04
N THR A 192 -16.00 -4.20 -10.01
CA THR A 192 -15.91 -3.38 -8.82
C THR A 192 -15.34 -1.99 -9.12
N ASP A 193 -14.46 -1.87 -10.11
CA ASP A 193 -13.95 -0.59 -10.60
C ASP A 193 -13.29 -0.84 -11.96
N THR A 194 -12.91 0.25 -12.64
CA THR A 194 -12.35 0.11 -13.99
C THR A 194 -11.08 -0.74 -14.02
N GLY A 195 -10.22 -0.63 -13.01
CA GLY A 195 -9.02 -1.44 -12.96
C GLY A 195 -9.29 -2.92 -12.99
N ALA A 196 -10.36 -3.36 -12.30
CA ALA A 196 -10.73 -4.77 -12.32
C ALA A 196 -11.13 -5.23 -13.73
N TYR A 197 -11.84 -4.36 -14.46
CA TYR A 197 -12.17 -4.64 -15.86
C TYR A 197 -10.90 -4.81 -16.69
N TRP A 198 -9.95 -3.87 -16.57
CA TRP A 198 -8.71 -3.97 -17.35
C TRP A 198 -7.95 -5.27 -17.01
N ARG A 199 -7.89 -5.63 -15.71
CA ARG A 199 -7.15 -6.84 -15.35
C ARG A 199 -7.84 -8.10 -15.87
N SER A 200 -9.15 -8.05 -16.11
CA SER A 200 -9.88 -9.23 -16.56
C SER A 200 -9.42 -9.71 -17.92
N TRP A 201 -8.78 -8.84 -18.71
CA TRP A 201 -8.37 -9.21 -20.05
C TRP A 201 -7.35 -10.34 -20.05
N TYR A 202 -6.71 -10.61 -18.91
CA TYR A 202 -5.70 -11.64 -18.82
C TYR A 202 -6.24 -12.97 -18.32
N ASN A 203 -7.53 -13.06 -17.97
CA ASN A 203 -8.18 -14.36 -17.84
C ASN A 203 -7.46 -15.21 -16.78
N SER A 204 -7.05 -14.59 -15.69
CA SER A 204 -6.26 -15.30 -14.69
C SER A 204 -6.59 -14.87 -13.27
N PRO A 205 -7.02 -15.79 -12.41
CA PRO A 205 -7.41 -15.39 -11.04
C PRO A 205 -6.23 -15.03 -10.17
N THR A 206 -5.01 -15.36 -10.58
CA THR A 206 -3.81 -15.10 -9.80
C THR A 206 -2.88 -14.05 -10.45
N PHE A 207 -3.42 -13.20 -11.32
CA PHE A 207 -2.61 -12.26 -12.12
C PHE A 207 -1.66 -11.42 -11.25
N GLU A 208 -2.19 -10.69 -10.28
CA GLU A 208 -1.36 -9.77 -9.51
C GLU A 208 -0.26 -10.51 -8.76
N ASP A 209 -0.60 -11.66 -8.15
CA ASP A 209 0.44 -12.47 -7.50
C ASP A 209 1.49 -12.95 -8.50
N ASP A 210 1.06 -13.40 -9.68
CA ASP A 210 2.02 -13.89 -10.66
C ASP A 210 2.97 -12.78 -11.12
N LEU A 211 2.48 -11.54 -11.25
CA LEU A 211 3.36 -10.44 -11.63
C LEU A 211 4.40 -10.17 -10.54
N GLU A 212 3.98 -10.10 -9.27
N GLU A 212 3.95 -10.10 -9.27
CA GLU A 212 4.96 -9.84 -8.22
CA GLU A 212 4.85 -9.90 -8.13
C GLU A 212 5.99 -10.96 -8.14
C GLU A 212 5.95 -10.96 -8.11
N HIS A 213 5.61 -12.19 -8.48
CA HIS A 213 6.58 -13.28 -8.49
C HIS A 213 7.63 -13.06 -9.58
N LEU A 214 7.18 -12.68 -10.78
CA LEU A 214 8.12 -12.34 -11.85
C LEU A 214 9.05 -11.23 -11.41
N TYR A 215 8.51 -10.12 -10.88
CA TYR A 215 9.39 -9.01 -10.52
C TYR A 215 10.41 -9.38 -9.44
N GLN A 216 10.06 -10.29 -8.52
CA GLN A 216 11.03 -10.71 -7.52
C GLN A 216 12.24 -11.39 -8.16
N GLN A 217 12.03 -12.12 -9.27
CA GLN A 217 13.14 -12.74 -9.99
C GLN A 217 13.99 -11.74 -10.76
N LEU A 218 13.38 -10.64 -11.23
CA LEU A 218 14.08 -9.65 -12.03
C LEU A 218 14.73 -8.53 -11.22
N GLU A 219 14.18 -8.20 -10.03
CA GLU A 219 14.69 -7.07 -9.27
C GLU A 219 16.21 -7.07 -9.06
N PRO A 220 16.86 -8.19 -8.75
CA PRO A 220 18.33 -8.15 -8.60
C PRO A 220 19.10 -7.64 -9.81
N LEU A 221 18.64 -7.97 -11.02
CA LEU A 221 19.30 -7.45 -12.21
C LEU A 221 19.17 -5.93 -12.27
N TYR A 222 18.00 -5.39 -11.91
CA TYR A 222 17.80 -3.94 -11.91
C TYR A 222 18.66 -3.26 -10.85
N LEU A 223 18.78 -3.85 -9.66
CA LEU A 223 19.51 -3.16 -8.59
C LEU A 223 20.98 -2.99 -8.95
N ASN A 224 21.58 -4.00 -9.62
CA ASN A 224 22.98 -3.90 -10.03
C ASN A 224 23.17 -2.90 -11.17
N LEU A 225 22.31 -2.98 -12.20
CA LEU A 225 22.36 -1.96 -13.25
C LEU A 225 22.23 -0.58 -12.63
N HIS A 226 21.30 -0.41 -11.69
CA HIS A 226 21.06 0.89 -11.05
C HIS A 226 22.31 1.43 -10.36
N ALA A 227 23.01 0.59 -9.61
CA ALA A 227 24.15 1.05 -8.83
C ALA A 227 25.33 1.40 -9.73
N PHE A 228 25.53 0.59 -10.78
CA PHE A 228 26.60 0.84 -11.75
C PHE A 228 26.40 2.17 -12.45
N VAL A 229 25.19 2.44 -12.93
CA VAL A 229 24.91 3.73 -13.56
C VAL A 229 25.04 4.87 -12.56
N ARG A 230 24.63 4.62 -11.31
CA ARG A 230 24.70 5.69 -10.32
C ARG A 230 26.14 6.11 -10.05
N ARG A 231 27.05 5.14 -9.94
CA ARG A 231 28.48 5.45 -9.84
C ARG A 231 28.91 6.35 -10.99
N ALA A 232 28.49 6.03 -12.22
CA ALA A 232 28.91 6.81 -13.38
C ALA A 232 28.40 8.23 -13.30
N LEU A 233 27.15 8.41 -12.87
CA LEU A 233 26.61 9.76 -12.72
C LEU A 233 27.36 10.51 -11.64
N HIS A 234 27.89 9.80 -10.64
CA HIS A 234 28.66 10.43 -9.56
C HIS A 234 29.93 11.07 -10.11
N ARG A 235 30.72 10.30 -10.87
CA ARG A 235 31.96 10.83 -11.44
C ARG A 235 31.68 12.07 -12.27
N ARG A 236 30.56 12.10 -12.96
CA ARG A 236 30.26 13.20 -13.88
C ARG A 236 29.73 14.41 -13.14
N TYR A 237 28.78 14.22 -12.21
CA TYR A 237 28.11 15.35 -11.57
C TYR A 237 28.57 15.60 -10.14
N GLY A 238 29.28 14.67 -9.52
CA GLY A 238 29.88 14.90 -8.22
C GLY A 238 28.94 14.60 -7.07
N ASP A 239 29.53 14.65 -5.85
CA ASP A 239 28.85 14.25 -4.63
C ASP A 239 27.70 15.19 -4.25
N ARG A 240 27.73 16.44 -4.71
CA ARG A 240 26.68 17.40 -4.37
C ARG A 240 25.33 16.97 -4.95
N TYR A 241 25.34 16.34 -6.12
CA TYR A 241 24.13 16.03 -6.86
C TYR A 241 23.77 14.54 -6.91
N ILE A 242 24.67 13.67 -6.47
CA ILE A 242 24.50 12.23 -6.59
C ILE A 242 24.83 11.62 -5.23
N ASN A 243 23.89 10.88 -4.67
CA ASN A 243 24.04 10.24 -3.37
C ASN A 243 24.23 8.75 -3.63
N LEU A 244 25.45 8.25 -3.40
CA LEU A 244 25.76 6.87 -3.71
C LEU A 244 24.96 5.88 -2.88
N ARG A 245 24.12 6.35 -1.94
CA ARG A 245 23.23 5.46 -1.21
C ARG A 245 21.78 5.93 -1.24
N GLY A 246 21.44 6.89 -2.11
CA GLY A 246 20.07 7.34 -2.26
C GLY A 246 19.54 7.23 -3.68
N PRO A 247 18.29 7.65 -3.89
CA PRO A 247 17.69 7.56 -5.22
C PRO A 247 18.40 8.48 -6.21
N ILE A 248 18.33 8.11 -7.49
CA ILE A 248 18.92 8.91 -8.56
C ILE A 248 17.97 10.02 -8.96
N PRO A 249 18.45 11.26 -9.15
CA PRO A 249 17.55 12.31 -9.64
C PRO A 249 16.95 11.97 -10.99
N ALA A 250 15.62 12.17 -11.10
CA ALA A 250 14.81 11.61 -12.18
C ALA A 250 15.12 12.18 -13.57
N HIS A 251 15.93 13.23 -13.69
CA HIS A 251 16.14 13.91 -14.97
C HIS A 251 17.50 13.61 -15.61
N LEU A 252 18.27 12.66 -15.09
CA LEU A 252 19.64 12.47 -15.52
C LEU A 252 19.87 11.18 -16.31
N LEU A 253 18.83 10.47 -16.70
CA LEU A 253 18.99 9.14 -17.28
C LEU A 253 18.66 9.08 -18.78
N GLY A 254 18.51 10.23 -19.44
CA GLY A 254 18.44 10.29 -20.90
C GLY A 254 17.04 10.34 -21.47
N ASP A 255 16.01 10.27 -20.63
CA ASP A 255 14.62 10.09 -21.05
C ASP A 255 13.75 10.82 -20.04
N MET A 256 12.67 11.45 -20.53
CA MET A 256 11.86 12.35 -19.70
C MET A 256 11.28 11.61 -18.48
N TRP A 257 11.00 10.31 -18.61
CA TRP A 257 10.37 9.52 -17.54
C TRP A 257 11.35 8.56 -16.89
N ALA A 258 12.63 8.67 -17.20
CA ALA A 258 13.67 7.74 -16.73
C ALA A 258 13.32 6.28 -17.01
N GLN A 259 12.52 6.02 -18.05
CA GLN A 259 12.05 4.66 -18.33
C GLN A 259 12.98 3.84 -19.20
N THR A 260 13.84 4.47 -19.99
CA THR A 260 14.86 3.79 -20.78
C THR A 260 16.14 4.62 -20.76
N TRP A 261 17.27 3.96 -20.53
CA TRP A 261 18.52 4.62 -20.22
C TRP A 261 19.52 4.58 -21.37
N SER A 262 19.11 4.13 -22.55
CA SER A 262 20.05 3.91 -23.64
C SER A 262 20.76 5.20 -24.08
N ASN A 263 20.15 6.37 -23.86
CA ASN A 263 20.77 7.62 -24.32
C ASN A 263 21.97 8.06 -23.50
N ILE A 264 22.28 7.40 -22.38
CA ILE A 264 23.52 7.67 -21.64
C ILE A 264 24.52 6.54 -21.81
N TYR A 265 24.34 5.66 -22.80
CA TYR A 265 25.34 4.64 -23.07
C TYR A 265 26.74 5.22 -23.24
N ASP A 266 26.86 6.36 -23.92
CA ASP A 266 28.19 6.93 -24.17
C ASP A 266 28.92 7.25 -22.88
N MET A 267 28.17 7.45 -21.79
CA MET A 267 28.74 7.75 -20.50
C MET A 267 29.21 6.51 -19.75
N VAL A 268 28.63 5.34 -20.00
CA VAL A 268 28.88 4.16 -19.18
C VAL A 268 29.55 3.02 -19.94
N VAL A 269 29.69 3.11 -21.25
CA VAL A 269 30.19 2.01 -22.09
C VAL A 269 31.45 1.39 -21.47
N PRO A 270 31.44 0.09 -21.16
CA PRO A 270 32.62 -0.49 -20.47
C PRO A 270 33.92 -0.44 -21.26
N PHE A 271 33.90 -0.73 -22.57
CA PHE A 271 35.13 -0.88 -23.36
C PHE A 271 35.03 -0.03 -24.62
N PRO A 272 35.44 1.24 -24.57
CA PRO A 272 35.24 2.14 -25.73
C PRO A 272 36.20 1.92 -26.89
N ASP A 273 37.20 1.05 -26.74
CA ASP A 273 38.05 0.70 -27.87
C ASP A 273 37.24 0.02 -28.98
N LYS A 274 36.23 -0.76 -28.60
CA LYS A 274 35.50 -1.60 -29.54
C LYS A 274 34.58 -0.74 -30.40
N PRO A 275 33.94 -1.34 -31.41
CA PRO A 275 33.19 -0.53 -32.38
C PRO A 275 32.00 0.17 -31.74
N ASN A 276 31.84 1.46 -32.04
CA ASN A 276 30.75 2.21 -31.45
C ASN A 276 29.40 1.61 -31.85
N LEU A 277 28.72 0.99 -30.88
CA LEU A 277 27.41 0.44 -31.16
C LEU A 277 26.33 1.51 -31.33
N ASP A 278 26.67 2.79 -31.19
CA ASP A 278 25.69 3.86 -31.39
C ASP A 278 25.77 4.28 -32.86
N VAL A 279 24.89 3.72 -33.68
CA VAL A 279 25.00 3.82 -35.13
C VAL A 279 24.17 4.96 -35.69
N THR A 280 23.64 5.84 -34.82
CA THR A 280 22.80 6.94 -35.32
C THR A 280 23.57 7.84 -36.29
N SER A 281 24.81 8.20 -35.95
CA SER A 281 25.61 9.07 -36.81
C SER A 281 25.74 8.52 -38.22
N THR A 282 25.97 7.21 -38.32
CA THR A 282 26.09 6.54 -39.62
C THR A 282 24.79 6.66 -40.41
N MET A 283 23.65 6.45 -39.75
CA MET A 283 22.35 6.62 -40.42
C MET A 283 22.24 8.02 -41.03
N LEU A 284 22.72 9.04 -40.33
CA LEU A 284 22.63 10.41 -40.82
C LEU A 284 23.57 10.64 -41.99
N GLN A 285 24.83 10.23 -41.83
CA GLN A 285 25.80 10.29 -42.91
C GLN A 285 25.24 9.66 -44.18
N GLN A 286 24.60 8.49 -44.06
CA GLN A 286 24.11 7.76 -45.23
C GLN A 286 22.81 8.31 -45.80
N GLY A 287 22.20 9.32 -45.17
CA GLY A 287 20.98 9.90 -45.72
C GLY A 287 19.68 9.21 -45.37
N TRP A 288 19.66 8.38 -44.33
CA TRP A 288 18.41 7.72 -43.97
C TRP A 288 17.35 8.76 -43.64
N GLN A 289 16.15 8.52 -44.15
CA GLN A 289 14.96 9.29 -43.84
C GLN A 289 13.92 8.34 -43.24
N ALA A 290 12.80 8.92 -42.78
CA ALA A 290 11.77 8.11 -42.13
C ALA A 290 11.27 6.98 -43.05
N THR A 291 11.03 7.26 -44.34
CA THR A 291 10.48 6.22 -45.20
C THR A 291 11.46 5.08 -45.40
N HIS A 292 12.77 5.36 -45.46
CA HIS A 292 13.77 4.31 -45.54
C HIS A 292 13.72 3.41 -44.30
N MET A 293 13.57 4.01 -43.13
CA MET A 293 13.47 3.24 -41.88
C MET A 293 12.32 2.26 -41.94
N PHE A 294 11.16 2.71 -42.41
CA PHE A 294 10.00 1.82 -42.55
C PHE A 294 10.22 0.75 -43.64
N ARG A 295 10.95 1.07 -44.72
CA ARG A 295 11.17 0.06 -45.77
C ARG A 295 12.11 -1.03 -45.30
N VAL A 296 13.08 -0.68 -44.45
CA VAL A 296 13.99 -1.67 -43.92
C VAL A 296 13.29 -2.59 -42.92
N ALA A 297 12.39 -2.02 -42.11
CA ALA A 297 11.61 -2.84 -41.18
C ALA A 297 10.71 -3.80 -41.96
N GLU A 298 10.02 -3.29 -42.98
CA GLU A 298 9.20 -4.12 -43.86
C GLU A 298 9.97 -5.31 -44.44
N GLU A 299 11.20 -5.08 -44.90
CA GLU A 299 11.93 -6.15 -45.58
C GLU A 299 12.33 -7.28 -44.61
N PHE A 300 12.51 -6.97 -43.31
CA PHE A 300 12.68 -8.04 -42.32
C PHE A 300 11.43 -8.91 -42.26
N PHE A 301 10.24 -8.30 -42.23
CA PHE A 301 9.00 -9.07 -42.19
C PHE A 301 8.88 -9.97 -43.42
N THR A 302 9.16 -9.43 -44.64
CA THR A 302 9.00 -10.25 -45.84
C THR A 302 10.10 -11.31 -45.96
N SER A 303 11.26 -11.10 -45.31
CA SER A 303 12.27 -12.15 -45.26
C SER A 303 11.78 -13.38 -44.51
N LEU A 304 10.82 -13.22 -43.61
CA LEU A 304 10.20 -14.30 -42.85
C LEU A 304 8.97 -14.87 -43.56
N GLU A 305 8.70 -14.37 -44.76
CA GLU A 305 7.51 -14.72 -45.54
C GLU A 305 6.22 -14.29 -44.85
N LEU A 306 6.29 -13.19 -44.09
CA LEU A 306 5.12 -12.46 -43.64
C LEU A 306 4.78 -11.39 -44.68
N SER A 307 3.70 -10.59 -44.43
CA SER A 307 3.15 -9.73 -45.48
C SER A 307 3.86 -8.39 -45.60
N PRO A 308 3.97 -7.86 -46.82
CA PRO A 308 4.40 -6.47 -47.01
C PRO A 308 3.28 -5.51 -46.59
N MET A 309 3.63 -4.23 -46.43
CA MET A 309 2.61 -3.20 -46.19
C MET A 309 1.84 -2.90 -47.48
N PRO A 310 0.52 -2.89 -47.45
CA PRO A 310 -0.25 -2.63 -48.68
C PRO A 310 -0.17 -1.17 -49.11
N PRO A 311 -0.57 -0.86 -50.37
CA PRO A 311 -0.50 0.54 -50.84
C PRO A 311 -1.24 1.55 -49.95
N GLU A 312 -2.40 1.13 -49.40
CA GLU A 312 -3.17 1.99 -48.51
C GLU A 312 -2.37 2.46 -47.30
N PHE A 313 -1.44 1.64 -46.83
CA PHE A 313 -0.61 2.02 -45.69
C PHE A 313 0.31 3.18 -46.05
N TRP A 314 1.04 3.04 -47.17
CA TRP A 314 1.97 4.09 -47.58
C TRP A 314 1.23 5.36 -47.97
N GLU A 315 0.06 5.25 -48.58
CA GLU A 315 -0.62 6.46 -49.01
C GLU A 315 -1.29 7.18 -47.84
N GLY A 316 -1.63 6.48 -46.77
CA GLY A 316 -2.41 7.07 -45.69
C GLY A 316 -1.67 7.44 -44.42
N SER A 317 -0.51 6.84 -44.17
CA SER A 317 0.17 7.00 -42.89
C SER A 317 0.79 8.38 -42.73
N MET A 318 1.04 8.75 -41.45
CA MET A 318 1.76 9.97 -41.09
C MET A 318 3.10 9.50 -40.54
N LEU A 319 4.18 9.58 -41.35
CA LEU A 319 5.46 9.04 -40.90
C LEU A 319 6.43 10.11 -40.45
N GLU A 320 6.06 11.38 -40.56
CA GLU A 320 6.88 12.48 -40.07
C GLU A 320 5.99 13.52 -39.40
N LYS A 321 6.57 14.26 -38.48
CA LYS A 321 5.84 15.39 -37.92
C LYS A 321 5.55 16.43 -39.02
N PRO A 322 4.30 16.87 -39.19
CA PRO A 322 4.02 17.80 -40.29
C PRO A 322 4.80 19.11 -40.17
N ALA A 323 5.22 19.61 -41.32
CA ALA A 323 6.00 20.83 -41.37
C ALA A 323 5.14 22.08 -41.46
N ASP A 324 3.81 21.93 -41.61
CA ASP A 324 2.91 23.02 -41.94
C ASP A 324 2.28 23.70 -40.73
N GLY A 325 2.81 23.49 -39.52
CA GLY A 325 2.28 24.14 -38.34
C GLY A 325 1.13 23.42 -37.63
N ARG A 326 0.47 22.46 -38.27
CA ARG A 326 -0.58 21.68 -37.64
C ARG A 326 -0.17 21.22 -36.24
N GLU A 327 -1.11 21.16 -35.32
CA GLU A 327 -0.92 20.46 -34.06
C GLU A 327 -1.34 19.00 -34.25
N VAL A 328 -0.52 18.07 -33.75
CA VAL A 328 -0.81 16.64 -33.87
C VAL A 328 -0.43 15.92 -32.58
N VAL A 329 -1.02 14.73 -32.42
CA VAL A 329 -0.61 13.78 -31.38
C VAL A 329 0.65 13.07 -31.88
N CYS A 330 1.81 13.40 -31.31
CA CYS A 330 3.03 12.81 -31.86
C CYS A 330 3.30 11.41 -31.33
N HIS A 331 2.68 11.02 -30.22
CA HIS A 331 3.00 9.71 -29.65
C HIS A 331 2.73 8.60 -30.67
N ALA A 332 3.74 7.77 -30.93
CA ALA A 332 3.66 6.75 -31.97
C ALA A 332 2.56 5.72 -31.70
N SER A 333 1.75 5.43 -32.73
CA SER A 333 0.61 4.52 -32.60
C SER A 333 0.29 3.89 -33.96
N ALA A 334 -0.36 2.73 -33.91
CA ALA A 334 -0.77 1.95 -35.09
C ALA A 334 -2.28 1.79 -35.12
N TRP A 335 -2.85 1.78 -36.33
CA TRP A 335 -4.28 1.96 -36.52
C TRP A 335 -4.90 0.93 -37.45
N ASP A 336 -5.95 0.27 -36.96
CA ASP A 336 -6.78 -0.68 -37.69
C ASP A 336 -8.14 -0.03 -37.93
N PHE A 337 -8.51 0.20 -39.21
CA PHE A 337 -9.77 0.89 -39.49
C PHE A 337 -10.98 -0.05 -39.55
N TYR A 338 -10.79 -1.34 -39.27
CA TYR A 338 -11.85 -2.34 -39.21
C TYR A 338 -12.61 -2.47 -40.54
N ASN A 339 -11.96 -2.13 -41.66
CA ASN A 339 -12.56 -2.38 -42.97
C ASN A 339 -11.74 -3.36 -43.81
N ARG A 340 -10.74 -4.00 -43.23
CA ARG A 340 -9.90 -5.00 -43.90
C ARG A 340 -9.04 -4.41 -45.02
N LYS A 341 -8.96 -3.08 -45.13
CA LYS A 341 -8.18 -2.45 -46.19
C LYS A 341 -7.27 -1.33 -45.69
N ASP A 342 -7.74 -0.46 -44.80
CA ASP A 342 -6.94 0.64 -44.29
C ASP A 342 -6.26 0.29 -42.98
N PHE A 343 -4.94 0.49 -42.96
CA PHE A 343 -4.08 0.25 -41.81
C PHE A 343 -2.96 1.29 -41.88
N ARG A 344 -2.71 1.99 -40.77
CA ARG A 344 -1.76 3.10 -40.80
C ARG A 344 -0.96 3.19 -39.51
N ILE A 345 0.22 3.79 -39.63
CA ILE A 345 1.02 4.26 -38.49
C ILE A 345 1.06 5.79 -38.49
N LYS A 346 1.00 6.36 -37.29
CA LYS A 346 1.10 7.81 -37.04
C LYS A 346 2.26 7.99 -36.06
N GLN A 347 3.40 8.46 -36.56
CA GLN A 347 4.64 8.57 -35.80
C GLN A 347 5.45 9.78 -36.25
N CYS A 348 5.83 10.62 -35.28
CA CYS A 348 6.71 11.78 -35.54
C CYS A 348 8.16 11.30 -35.60
N THR A 349 8.45 10.50 -36.63
CA THR A 349 9.71 9.76 -36.67
C THR A 349 10.94 10.66 -36.74
N ARG A 350 11.95 10.30 -35.97
CA ARG A 350 13.24 10.95 -35.95
C ARG A 350 14.32 9.94 -36.35
N VAL A 351 15.38 10.41 -37.01
CA VAL A 351 16.39 9.48 -37.52
C VAL A 351 17.37 9.10 -36.43
N THR A 352 17.03 8.07 -35.64
CA THR A 352 17.95 7.48 -34.67
C THR A 352 17.75 5.97 -34.61
N MET A 353 18.75 5.29 -34.06
CA MET A 353 18.67 3.84 -33.87
C MET A 353 17.52 3.49 -32.91
N GLU A 354 17.36 4.29 -31.86
CA GLU A 354 16.27 3.99 -30.92
C GLU A 354 14.92 4.12 -31.61
N GLN A 355 14.78 5.09 -32.52
CA GLN A 355 13.55 5.24 -33.28
C GLN A 355 13.38 4.11 -34.28
N LEU A 356 14.48 3.56 -34.78
CA LEU A 356 14.36 2.42 -35.68
C LEU A 356 13.74 1.23 -34.97
N VAL A 357 14.06 1.05 -33.68
CA VAL A 357 13.39 0.03 -32.88
C VAL A 357 11.90 0.35 -32.74
N VAL A 358 11.55 1.61 -32.46
CA VAL A 358 10.14 1.97 -32.35
C VAL A 358 9.41 1.70 -33.66
N VAL A 359 10.06 1.95 -34.81
CA VAL A 359 9.42 1.65 -36.10
C VAL A 359 9.05 0.16 -36.17
N HIS A 360 9.94 -0.73 -35.74
CA HIS A 360 9.61 -2.15 -35.75
C HIS A 360 8.44 -2.46 -34.79
N HIS A 361 8.46 -1.86 -33.59
CA HIS A 361 7.35 -1.99 -32.64
C HIS A 361 6.01 -1.69 -33.29
N GLU A 362 5.89 -0.52 -33.95
CA GLU A 362 4.62 -0.18 -34.58
C GLU A 362 4.30 -1.07 -35.77
N MET A 363 5.30 -1.41 -36.60
CA MET A 363 5.02 -2.31 -37.73
C MET A 363 4.59 -3.71 -37.26
N GLY A 364 5.05 -4.15 -36.07
CA GLY A 364 4.55 -5.41 -35.51
C GLY A 364 3.03 -5.39 -35.28
N HIS A 365 2.49 -4.25 -34.84
CA HIS A 365 1.04 -4.10 -34.70
C HIS A 365 0.34 -4.26 -36.04
N ILE A 366 0.85 -3.60 -37.09
CA ILE A 366 0.20 -3.67 -38.40
C ILE A 366 0.23 -5.11 -38.94
N GLN A 367 1.33 -5.82 -38.73
CA GLN A 367 1.40 -7.21 -39.19
C GLN A 367 0.32 -8.05 -38.51
N TYR A 368 0.13 -7.88 -37.20
CA TYR A 368 -0.98 -8.52 -36.50
C TYR A 368 -2.31 -8.23 -37.21
N PHE A 369 -2.58 -6.94 -37.49
CA PHE A 369 -3.83 -6.57 -38.15
C PHE A 369 -3.97 -7.29 -39.50
N LEU A 370 -2.89 -7.37 -40.27
CA LEU A 370 -2.99 -7.97 -41.61
C LEU A 370 -3.33 -9.45 -41.53
N GLN A 371 -2.81 -10.14 -40.53
CA GLN A 371 -2.94 -11.58 -40.39
C GLN A 371 -4.27 -12.02 -39.83
N TYR A 372 -4.97 -11.17 -39.06
CA TYR A 372 -6.28 -11.57 -38.53
C TYR A 372 -7.44 -10.79 -39.11
N LYS A 373 -7.25 -10.10 -40.25
CA LYS A 373 -8.30 -9.19 -40.72
C LYS A 373 -9.58 -9.91 -41.14
N ASP A 374 -9.61 -11.25 -41.21
CA ASP A 374 -10.82 -11.93 -41.65
C ASP A 374 -11.58 -12.61 -40.52
N LEU A 375 -11.10 -12.55 -39.30
CA LEU A 375 -11.90 -12.95 -38.16
C LEU A 375 -13.02 -11.93 -37.92
N PRO A 376 -14.02 -12.29 -37.10
CA PRO A 376 -15.00 -11.29 -36.65
C PRO A 376 -14.33 -10.20 -35.83
N VAL A 377 -14.92 -8.99 -35.85
CA VAL A 377 -14.23 -7.84 -35.25
C VAL A 377 -13.96 -8.07 -33.77
N SER A 378 -14.84 -8.79 -33.06
CA SER A 378 -14.61 -8.98 -31.62
C SER A 378 -13.34 -9.77 -31.37
N LEU A 379 -12.89 -10.54 -32.35
CA LEU A 379 -11.68 -11.36 -32.23
C LEU A 379 -10.46 -10.73 -32.91
N ARG A 380 -10.58 -9.51 -33.44
CA ARG A 380 -9.42 -8.80 -34.02
C ARG A 380 -8.71 -8.05 -32.89
N GLU A 381 -8.02 -8.85 -32.08
CA GLU A 381 -7.25 -8.38 -30.94
C GLU A 381 -6.09 -9.34 -30.77
N GLY A 382 -5.17 -8.97 -29.88
CA GLY A 382 -4.11 -9.88 -29.54
C GLY A 382 -4.63 -11.00 -28.65
N ALA A 383 -3.87 -12.09 -28.56
CA ALA A 383 -4.23 -13.14 -27.60
C ALA A 383 -4.42 -12.55 -26.22
N ASN A 384 -3.49 -11.68 -25.80
CA ASN A 384 -3.79 -10.60 -24.85
C ASN A 384 -3.06 -9.33 -25.26
N PRO A 385 -3.26 -8.19 -24.58
CA PRO A 385 -2.62 -6.93 -25.04
C PRO A 385 -1.09 -6.97 -24.98
N GLY A 386 -0.52 -7.77 -24.08
CA GLY A 386 0.92 -7.95 -24.05
C GLY A 386 1.48 -8.58 -25.32
N PHE A 387 0.75 -9.56 -25.90
CA PHE A 387 1.16 -10.15 -27.18
C PHE A 387 1.29 -9.08 -28.28
N HIS A 388 0.32 -8.16 -28.34
CA HIS A 388 0.34 -7.13 -29.38
C HIS A 388 1.57 -6.26 -29.23
N GLU A 389 1.87 -5.82 -27.99
CA GLU A 389 3.00 -4.94 -27.77
C GLU A 389 4.36 -5.62 -27.98
N ALA A 390 4.42 -6.97 -28.02
CA ALA A 390 5.69 -7.69 -28.12
C ALA A 390 6.13 -8.03 -29.56
N ILE A 391 5.22 -8.12 -30.53
CA ILE A 391 5.55 -8.72 -31.82
C ILE A 391 6.77 -8.02 -32.46
N GLY A 392 6.66 -6.71 -32.64
CA GLY A 392 7.73 -5.97 -33.30
C GLY A 392 9.02 -5.93 -32.51
N ASP A 393 8.93 -5.85 -31.17
CA ASP A 393 10.11 -5.91 -30.31
C ASP A 393 10.91 -7.21 -30.53
N VAL A 394 10.24 -8.31 -30.81
CA VAL A 394 10.94 -9.59 -31.01
C VAL A 394 11.85 -9.51 -32.23
N LEU A 395 11.32 -9.03 -33.36
CA LEU A 395 12.16 -8.87 -34.55
C LEU A 395 13.31 -7.91 -34.29
N ALA A 396 13.05 -6.79 -33.55
CA ALA A 396 14.10 -5.81 -33.29
C ALA A 396 15.21 -6.34 -32.40
N LEU A 397 14.95 -7.37 -31.57
CA LEU A 397 16.03 -8.08 -30.89
C LEU A 397 17.04 -8.64 -31.91
N SER A 398 16.56 -9.22 -33.00
CA SER A 398 17.47 -9.71 -34.04
C SER A 398 18.17 -8.57 -34.77
N VAL A 399 17.43 -7.51 -35.10
CA VAL A 399 18.00 -6.37 -35.84
C VAL A 399 19.13 -5.72 -35.07
N SER A 400 19.04 -5.68 -33.73
CA SER A 400 20.00 -4.99 -32.89
C SER A 400 21.36 -5.68 -32.80
N THR A 401 21.45 -6.97 -33.13
CA THR A 401 22.72 -7.68 -32.95
C THR A 401 23.80 -7.03 -33.82
N PRO A 402 25.05 -6.97 -33.36
CA PRO A 402 26.10 -6.40 -34.22
C PRO A 402 26.25 -7.11 -35.57
N GLU A 403 25.98 -8.41 -35.62
CA GLU A 403 26.03 -9.15 -36.88
C GLU A 403 25.00 -8.61 -37.88
N HIS A 404 23.77 -8.37 -37.42
CA HIS A 404 22.74 -7.87 -38.34
C HIS A 404 23.02 -6.44 -38.75
N LEU A 405 23.44 -5.60 -37.79
CA LEU A 405 23.81 -4.23 -38.10
C LEU A 405 24.86 -4.19 -39.20
N HIS A 406 25.82 -5.12 -39.16
CA HIS A 406 26.80 -5.21 -40.24
C HIS A 406 26.14 -5.56 -41.58
N LYS A 407 25.26 -6.55 -41.58
N LYS A 407 25.24 -6.53 -41.58
CA LYS A 407 24.60 -6.99 -42.82
CA LYS A 407 24.60 -6.99 -42.82
C LYS A 407 23.84 -5.84 -43.50
C LYS A 407 23.76 -5.91 -43.49
N ILE A 408 23.28 -4.92 -42.73
CA ILE A 408 22.51 -3.81 -43.32
C ILE A 408 23.35 -2.55 -43.44
N GLY A 409 24.67 -2.63 -43.25
CA GLY A 409 25.56 -1.54 -43.61
C GLY A 409 25.73 -0.44 -42.59
N LEU A 410 25.36 -0.68 -41.33
CA LEU A 410 25.42 0.32 -40.27
C LEU A 410 26.54 0.09 -39.27
N LEU A 411 27.25 -1.05 -39.35
CA LEU A 411 28.39 -1.31 -38.48
C LEU A 411 29.48 -2.00 -39.28
N ASP A 412 30.64 -1.35 -39.40
CA ASP A 412 31.65 -1.81 -40.34
C ASP A 412 32.56 -2.89 -39.75
N ARG A 413 33.10 -2.66 -38.55
CA ARG A 413 34.02 -3.59 -37.92
C ARG A 413 33.29 -4.80 -37.36
N VAL A 414 34.03 -5.91 -37.26
CA VAL A 414 33.48 -7.20 -36.82
C VAL A 414 34.39 -7.72 -35.72
N THR A 415 33.83 -7.93 -34.52
CA THR A 415 34.56 -8.55 -33.43
C THR A 415 33.64 -9.53 -32.71
N ASN A 416 34.21 -10.66 -32.28
CA ASN A 416 33.48 -11.63 -31.46
C ASN A 416 34.40 -11.97 -30.28
N ASP A 417 34.46 -11.06 -29.31
CA ASP A 417 35.24 -11.24 -28.10
C ASP A 417 34.40 -10.85 -26.88
N THR A 418 34.82 -11.35 -25.72
CA THR A 418 34.02 -11.17 -24.50
C THR A 418 33.76 -9.69 -24.20
N GLU A 419 34.74 -8.82 -24.45
CA GLU A 419 34.54 -7.41 -24.18
C GLU A 419 33.45 -6.82 -25.07
N SER A 420 33.34 -7.31 -26.31
CA SER A 420 32.32 -6.80 -27.23
C SER A 420 30.94 -7.34 -26.87
N ASP A 421 30.89 -8.59 -26.39
CA ASP A 421 29.66 -9.14 -25.85
C ASP A 421 29.15 -8.34 -24.65
N ILE A 422 30.07 -7.78 -23.85
CA ILE A 422 29.68 -7.03 -22.67
C ILE A 422 29.08 -5.69 -23.07
N ASN A 423 29.75 -4.97 -23.97
CA ASN A 423 29.21 -3.70 -24.46
C ASN A 423 27.79 -3.90 -25.02
N TYR A 424 27.60 -4.93 -25.86
CA TYR A 424 26.30 -5.16 -26.47
C TYR A 424 25.23 -5.42 -25.40
N LEU A 425 25.46 -6.39 -24.52
CA LEU A 425 24.43 -6.76 -23.55
C LEU A 425 24.13 -5.63 -22.57
N LEU A 426 25.12 -4.82 -22.21
CA LEU A 426 24.85 -3.66 -21.37
C LEU A 426 23.98 -2.62 -22.10
N LYS A 427 24.30 -2.32 -23.36
CA LYS A 427 23.46 -1.38 -24.10
C LYS A 427 22.03 -1.90 -24.18
N MET A 428 21.86 -3.21 -24.40
CA MET A 428 20.50 -3.76 -24.44
C MET A 428 19.83 -3.66 -23.06
N ALA A 429 20.59 -3.92 -21.99
CA ALA A 429 20.03 -3.84 -20.64
C ALA A 429 19.56 -2.43 -20.29
N LEU A 430 20.30 -1.40 -20.72
CA LEU A 430 19.88 -0.03 -20.50
C LEU A 430 18.49 0.24 -21.05
N ASP A 431 18.02 -0.58 -21.99
CA ASP A 431 16.68 -0.43 -22.53
C ASP A 431 15.72 -1.44 -21.92
N LYS A 432 16.10 -2.72 -21.90
CA LYS A 432 15.17 -3.78 -21.50
C LYS A 432 15.12 -4.02 -20.00
N ILE A 433 16.20 -3.81 -19.26
CA ILE A 433 16.15 -4.02 -17.82
C ILE A 433 15.71 -2.75 -17.09
N ALA A 434 16.23 -1.60 -17.52
CA ALA A 434 15.87 -0.33 -16.89
C ALA A 434 14.36 -0.08 -16.89
N PHE A 435 13.67 -0.56 -17.92
CA PHE A 435 12.24 -0.33 -18.09
C PHE A 435 11.39 -1.11 -17.10
N LEU A 436 11.87 -2.26 -16.65
CA LEU A 436 11.01 -3.21 -15.94
C LEU A 436 10.29 -2.60 -14.74
N PRO A 437 10.95 -1.85 -13.84
CA PRO A 437 10.21 -1.27 -12.70
C PRO A 437 9.17 -0.24 -13.12
N PHE A 438 9.44 0.50 -14.19
CA PHE A 438 8.45 1.47 -14.67
C PHE A 438 7.27 0.77 -15.32
N GLY A 439 7.50 -0.25 -16.16
CA GLY A 439 6.39 -0.99 -16.72
C GLY A 439 5.51 -1.64 -15.68
N TYR A 440 6.07 -1.98 -14.52
CA TYR A 440 5.29 -2.61 -13.44
C TYR A 440 4.50 -1.60 -12.61
N LEU A 441 5.09 -0.44 -12.29
CA LEU A 441 4.50 0.45 -11.30
C LEU A 441 3.36 1.33 -11.82
N VAL A 442 3.32 1.64 -13.12
CA VAL A 442 2.37 2.64 -13.61
C VAL A 442 0.92 2.20 -13.31
N ASP A 443 0.58 0.96 -13.63
CA ASP A 443 -0.80 0.53 -13.39
C ASP A 443 -1.02 0.10 -11.93
N GLN A 444 0.03 -0.14 -11.14
CA GLN A 444 -0.19 -0.16 -9.69
C GLN A 444 -0.77 1.16 -9.21
N TRP A 445 -0.23 2.27 -9.73
CA TRP A 445 -0.75 3.59 -9.37
C TRP A 445 -2.19 3.75 -9.85
N ARG A 446 -2.46 3.40 -11.11
CA ARG A 446 -3.79 3.61 -11.67
C ARG A 446 -4.83 2.68 -11.03
N TRP A 447 -4.47 1.43 -10.74
CA TRP A 447 -5.38 0.54 -10.01
C TRP A 447 -5.76 1.11 -8.64
N GLY A 448 -4.80 1.68 -7.92
CA GLY A 448 -5.10 2.33 -6.65
C GLY A 448 -5.99 3.57 -6.77
N VAL A 449 -5.86 4.31 -7.88
CA VAL A 449 -6.75 5.43 -8.12
C VAL A 449 -8.16 4.93 -8.41
N PHE A 450 -8.28 3.91 -9.27
CA PHE A 450 -9.59 3.41 -9.66
C PHE A 450 -10.33 2.80 -8.46
N SER A 451 -9.60 2.12 -7.57
CA SER A 451 -10.18 1.45 -6.42
C SER A 451 -10.58 2.40 -5.29
N GLY A 452 -10.15 3.65 -5.35
CA GLY A 452 -10.36 4.60 -4.26
C GLY A 452 -9.31 4.57 -3.17
N ARG A 453 -8.37 3.63 -3.21
N ARG A 453 -8.37 3.62 -3.20
CA ARG A 453 -7.29 3.63 -2.23
CA ARG A 453 -7.28 3.63 -2.25
C ARG A 453 -6.40 4.86 -2.37
C ARG A 453 -6.45 4.90 -2.36
N THR A 454 -6.32 5.46 -3.57
CA THR A 454 -5.58 6.69 -3.81
C THR A 454 -6.53 7.80 -4.24
N PRO A 455 -7.03 8.63 -3.33
CA PRO A 455 -7.91 9.75 -3.72
C PRO A 455 -7.12 10.90 -4.32
N PRO A 456 -7.79 11.92 -4.85
CA PRO A 456 -7.04 13.05 -5.44
C PRO A 456 -6.05 13.69 -4.48
N SER A 457 -6.36 13.67 -3.19
CA SER A 457 -5.48 14.28 -2.18
C SER A 457 -4.16 13.54 -2.03
N ARG A 458 -3.99 12.35 -2.65
CA ARG A 458 -2.72 11.65 -2.60
C ARG A 458 -2.24 11.19 -3.98
N TYR A 459 -2.72 11.78 -5.08
CA TYR A 459 -2.22 11.42 -6.43
C TYR A 459 -0.71 11.42 -6.51
N ASN A 460 -0.07 12.49 -6.04
CA ASN A 460 1.38 12.67 -6.27
C ASN A 460 2.21 12.01 -5.17
N PHE A 461 1.73 12.09 -3.92
CA PHE A 461 2.29 11.34 -2.81
C PHE A 461 2.46 9.88 -3.18
N ASP A 462 1.40 9.26 -3.74
CA ASP A 462 1.45 7.83 -4.05
C ASP A 462 2.22 7.55 -5.35
N TRP A 463 2.16 8.47 -6.33
CA TRP A 463 3.02 8.33 -7.51
C TRP A 463 4.48 8.25 -7.11
N TRP A 464 4.95 9.22 -6.30
CA TRP A 464 6.37 9.23 -5.97
C TRP A 464 6.75 8.13 -4.99
N TYR A 465 5.81 7.64 -4.16
CA TYR A 465 6.10 6.46 -3.36
C TYR A 465 6.50 5.28 -4.27
N LEU A 466 5.73 5.04 -5.32
CA LEU A 466 5.99 3.90 -6.22
C LEU A 466 7.22 4.14 -7.09
N ARG A 467 7.38 5.37 -7.58
CA ARG A 467 8.56 5.71 -8.36
C ARG A 467 9.84 5.48 -7.56
N THR A 468 9.84 5.89 -6.28
CA THR A 468 11.00 5.60 -5.44
C THR A 468 11.09 4.12 -5.10
N LYS A 469 9.97 3.47 -4.72
CA LYS A 469 10.02 2.06 -4.31
C LYS A 469 10.64 1.18 -5.38
N TYR A 470 10.26 1.38 -6.64
CA TYR A 470 10.61 0.46 -7.73
C TYR A 470 11.82 0.92 -8.56
N GLN A 471 11.80 2.15 -9.06
CA GLN A 471 12.91 2.68 -9.86
C GLN A 471 14.06 3.23 -9.02
N GLY A 472 13.84 3.57 -7.75
CA GLY A 472 14.93 4.20 -7.02
C GLY A 472 15.36 5.53 -7.59
N ILE A 473 14.39 6.36 -7.97
CA ILE A 473 14.63 7.73 -8.39
C ILE A 473 13.87 8.68 -7.47
N CYS A 474 14.22 9.96 -7.52
CA CYS A 474 13.58 11.03 -6.76
C CYS A 474 13.44 12.29 -7.61
N PRO A 475 12.43 13.12 -7.34
CA PRO A 475 12.27 14.34 -8.13
C PRO A 475 13.37 15.33 -7.82
N PRO A 476 13.85 16.06 -8.84
CA PRO A 476 14.99 16.97 -8.62
C PRO A 476 14.61 18.35 -8.08
N VAL A 477 13.33 18.73 -8.12
CA VAL A 477 12.78 19.85 -7.38
C VAL A 477 11.62 19.35 -6.51
N THR A 478 11.25 20.14 -5.50
CA THR A 478 10.22 19.73 -4.56
C THR A 478 8.86 19.70 -5.26
N ARG A 479 8.06 18.69 -4.95
CA ARG A 479 6.71 18.54 -5.49
C ARG A 479 5.72 18.50 -4.33
N ASN A 480 4.47 18.87 -4.64
CA ASN A 480 3.34 18.78 -3.70
C ASN A 480 2.10 18.39 -4.51
N GLU A 481 0.91 18.44 -3.87
CA GLU A 481 -0.29 17.91 -4.52
C GLU A 481 -0.92 18.88 -5.51
N THR A 482 -0.33 20.05 -5.72
CA THR A 482 -0.72 20.88 -6.86
C THR A 482 -0.21 20.27 -8.17
N HIS A 483 0.94 19.63 -8.12
CA HIS A 483 1.48 18.89 -9.24
C HIS A 483 0.76 17.56 -9.41
N PHE A 484 0.74 17.09 -10.67
CA PHE A 484 0.10 15.83 -11.07
C PHE A 484 1.04 15.18 -12.09
N ASP A 485 2.14 14.61 -11.56
CA ASP A 485 3.24 14.19 -12.42
C ASP A 485 2.94 12.91 -13.20
N ALA A 486 2.08 12.03 -12.69
CA ALA A 486 1.55 10.93 -13.49
C ALA A 486 0.92 11.45 -14.77
N GLY A 487 0.31 12.64 -14.73
CA GLY A 487 -0.41 13.17 -15.87
C GLY A 487 0.48 13.61 -17.01
N ALA A 488 1.77 13.77 -16.75
CA ALA A 488 2.77 14.16 -17.73
C ALA A 488 3.33 12.97 -18.53
N LYS A 489 2.73 11.79 -18.39
CA LYS A 489 3.09 10.58 -19.15
C LYS A 489 1.94 10.23 -20.09
N PHE A 490 2.25 10.08 -21.40
CA PHE A 490 1.21 9.97 -22.43
C PHE A 490 0.02 9.12 -22.01
N HIS A 491 0.29 7.91 -21.50
CA HIS A 491 -0.76 6.91 -21.36
C HIS A 491 -1.81 7.28 -20.33
N VAL A 492 -1.51 8.17 -19.38
CA VAL A 492 -2.48 8.50 -18.33
C VAL A 492 -3.58 9.39 -18.91
N PRO A 493 -3.28 10.59 -19.43
CA PRO A 493 -4.36 11.40 -20.04
C PRO A 493 -5.01 10.75 -21.26
N ASN A 494 -4.30 9.91 -22.00
CA ASN A 494 -4.85 9.26 -23.19
C ASN A 494 -5.44 7.88 -22.86
N VAL A 495 -5.61 7.56 -21.59
CA VAL A 495 -6.30 6.37 -21.08
C VAL A 495 -5.87 5.11 -21.83
N THR A 496 -4.56 4.85 -21.89
CA THR A 496 -4.02 3.63 -22.48
C THR A 496 -3.42 2.81 -21.36
N PRO A 497 -3.89 1.58 -21.14
CA PRO A 497 -3.34 0.75 -20.05
C PRO A 497 -1.86 0.45 -20.25
N TYR A 498 -1.17 0.15 -19.13
CA TYR A 498 0.28 0.03 -19.13
C TYR A 498 0.84 -1.35 -18.78
N ILE A 499 0.11 -2.20 -18.04
CA ILE A 499 0.74 -3.45 -17.60
C ILE A 499 1.10 -4.33 -18.78
N ARG A 500 0.43 -4.14 -19.92
CA ARG A 500 0.78 -4.82 -21.18
C ARG A 500 2.27 -4.71 -21.51
N TYR A 501 2.93 -3.63 -21.09
CA TYR A 501 4.33 -3.44 -21.48
C TYR A 501 5.27 -4.21 -20.55
N PHE A 502 4.92 -4.36 -19.27
CA PHE A 502 5.67 -5.28 -18.43
C PHE A 502 5.55 -6.71 -18.94
N VAL A 503 4.33 -7.14 -19.27
CA VAL A 503 4.12 -8.47 -19.82
C VAL A 503 4.92 -8.65 -21.10
N SER A 504 4.87 -7.64 -21.97
CA SER A 504 5.57 -7.71 -23.25
C SER A 504 7.08 -7.87 -23.09
N PHE A 505 7.68 -7.15 -22.15
CA PHE A 505 9.15 -7.20 -22.02
C PHE A 505 9.61 -8.57 -21.50
N VAL A 506 8.78 -9.28 -20.73
CA VAL A 506 9.09 -10.66 -20.38
C VAL A 506 8.81 -11.58 -21.56
N LEU A 507 7.63 -11.43 -22.16
CA LEU A 507 7.19 -12.30 -23.24
C LEU A 507 8.16 -12.29 -24.43
N GLN A 508 8.69 -11.12 -24.78
CA GLN A 508 9.48 -11.06 -26.01
C GLN A 508 10.73 -11.93 -25.93
N PHE A 509 11.26 -12.17 -24.73
CA PHE A 509 12.39 -13.08 -24.62
C PHE A 509 11.96 -14.53 -24.65
N GLN A 510 10.73 -14.85 -24.21
CA GLN A 510 10.21 -16.18 -24.45
C GLN A 510 10.01 -16.43 -25.94
N PHE A 511 9.47 -15.43 -26.67
CA PHE A 511 9.27 -15.57 -28.12
C PHE A 511 10.60 -15.73 -28.85
N HIS A 512 11.59 -14.92 -28.48
CA HIS A 512 12.88 -14.94 -29.16
C HIS A 512 13.55 -16.31 -29.03
N GLU A 513 13.58 -16.87 -27.81
CA GLU A 513 14.16 -18.19 -27.61
C GLU A 513 13.48 -19.24 -28.48
N ALA A 514 12.14 -19.25 -28.51
CA ALA A 514 11.42 -20.24 -29.30
C ALA A 514 11.73 -20.11 -30.79
N LEU A 515 11.71 -18.88 -31.32
CA LEU A 515 11.91 -18.72 -32.76
C LEU A 515 13.35 -19.02 -33.17
N CYS A 516 14.31 -18.69 -32.29
CA CYS A 516 15.70 -19.05 -32.54
C CYS A 516 15.89 -20.56 -32.57
N LYS A 517 15.18 -21.29 -31.71
CA LYS A 517 15.24 -22.74 -31.74
C LYS A 517 14.62 -23.28 -33.03
N GLU A 518 13.43 -22.77 -33.38
CA GLU A 518 12.77 -23.21 -34.61
C GLU A 518 13.63 -22.90 -35.84
N ALA A 519 14.43 -21.83 -35.79
CA ALA A 519 15.29 -21.45 -36.91
C ALA A 519 16.49 -22.36 -37.07
N GLY A 520 16.71 -23.28 -36.14
CA GLY A 520 17.91 -24.10 -36.14
C GLY A 520 19.15 -23.42 -35.61
N TYR A 521 19.01 -22.26 -34.97
CA TYR A 521 20.18 -21.57 -34.44
C TYR A 521 20.71 -22.29 -33.22
N GLU A 522 22.04 -22.35 -33.08
CA GLU A 522 22.65 -23.14 -32.02
C GLU A 522 23.70 -22.39 -31.19
N GLY A 523 23.91 -21.10 -31.44
CA GLY A 523 24.85 -20.32 -30.66
C GLY A 523 24.21 -19.64 -29.45
N PRO A 524 24.96 -18.75 -28.82
CA PRO A 524 24.42 -18.01 -27.66
C PRO A 524 23.14 -17.26 -28.02
N LEU A 525 22.18 -17.29 -27.09
CA LEU A 525 20.88 -16.69 -27.39
C LEU A 525 21.01 -15.23 -27.83
N HIS A 526 21.89 -14.46 -27.17
CA HIS A 526 21.99 -13.04 -27.45
C HIS A 526 22.68 -12.73 -28.79
N GLN A 527 23.11 -13.76 -29.52
CA GLN A 527 23.71 -13.57 -30.83
C GLN A 527 22.83 -14.10 -31.96
N CYS A 528 21.69 -14.68 -31.64
CA CYS A 528 20.73 -15.15 -32.64
C CYS A 528 20.21 -14.01 -33.51
N ASP A 529 20.02 -14.31 -34.80
CA ASP A 529 19.38 -13.41 -35.77
C ASP A 529 18.47 -14.29 -36.61
N ILE A 530 17.15 -14.07 -36.54
CA ILE A 530 16.21 -14.94 -37.24
C ILE A 530 15.90 -14.48 -38.67
N TYR A 531 16.61 -13.44 -39.13
CA TYR A 531 16.51 -12.95 -40.51
C TYR A 531 16.49 -14.10 -41.52
N ARG A 532 15.53 -14.06 -42.42
CA ARG A 532 15.37 -15.00 -43.54
C ARG A 532 15.03 -16.43 -43.10
N SER A 533 14.61 -16.65 -41.86
CA SER A 533 14.17 -17.99 -41.45
C SER A 533 12.68 -18.15 -41.72
N THR A 534 12.35 -18.86 -42.80
CA THR A 534 10.95 -19.07 -43.12
C THR A 534 10.28 -20.00 -42.11
N LYS A 535 11.06 -20.88 -41.47
CA LYS A 535 10.51 -21.70 -40.40
C LYS A 535 10.13 -20.86 -39.19
N ALA A 536 11.00 -19.94 -38.77
CA ALA A 536 10.62 -19.06 -37.67
C ALA A 536 9.44 -18.17 -38.06
N GLY A 537 9.39 -17.73 -39.31
CA GLY A 537 8.24 -16.96 -39.78
C GLY A 537 6.93 -17.71 -39.68
N ALA A 538 6.93 -19.00 -40.02
CA ALA A 538 5.69 -19.76 -40.00
C ALA A 538 5.17 -19.99 -38.58
N LYS A 539 6.08 -20.12 -37.60
CA LYS A 539 5.62 -20.29 -36.22
C LYS A 539 5.03 -18.97 -35.67
N LEU A 540 5.63 -17.83 -36.01
CA LEU A 540 5.03 -16.55 -35.60
C LEU A 540 3.68 -16.33 -36.28
N ARG A 541 3.57 -16.70 -37.56
N ARG A 541 3.55 -16.72 -37.54
CA ARG A 541 2.32 -16.55 -38.30
CA ARG A 541 2.29 -16.48 -38.26
C ARG A 541 1.15 -17.21 -37.58
C ARG A 541 1.12 -17.22 -37.60
N LYS A 542 1.36 -18.41 -37.02
CA LYS A 542 0.28 -19.11 -36.32
C LYS A 542 -0.28 -18.25 -35.19
N VAL A 543 0.60 -17.63 -34.40
CA VAL A 543 0.17 -16.75 -33.32
C VAL A 543 -0.66 -15.60 -33.88
N LEU A 544 -0.15 -14.96 -34.93
CA LEU A 544 -0.80 -13.73 -35.39
C LEU A 544 -2.19 -14.00 -35.96
N ARG A 545 -2.37 -15.13 -36.67
CA ARG A 545 -3.67 -15.43 -37.26
C ARG A 545 -4.74 -15.83 -36.24
N ALA A 546 -4.36 -16.14 -35.01
CA ALA A 546 -5.37 -16.58 -34.04
C ALA A 546 -6.15 -15.43 -33.43
N GLY A 547 -5.64 -14.20 -33.53
CA GLY A 547 -6.31 -13.11 -32.85
C GLY A 547 -6.55 -13.52 -31.42
N SER A 548 -7.77 -13.27 -30.93
CA SER A 548 -8.19 -13.60 -29.57
C SER A 548 -9.17 -14.77 -29.55
N SER A 549 -9.16 -15.58 -30.61
CA SER A 549 -10.08 -16.69 -30.75
C SER A 549 -9.82 -17.79 -29.73
N ARG A 550 -8.63 -17.83 -29.15
CA ARG A 550 -8.26 -18.86 -28.19
C ARG A 550 -7.58 -18.26 -26.97
N PRO A 551 -7.70 -18.92 -25.81
CA PRO A 551 -7.02 -18.41 -24.63
C PRO A 551 -5.54 -18.24 -24.89
N TRP A 552 -4.99 -17.13 -24.38
CA TRP A 552 -3.58 -16.82 -24.61
C TRP A 552 -2.69 -17.90 -24.00
N GLN A 553 -3.14 -18.55 -22.93
CA GLN A 553 -2.36 -19.64 -22.35
C GLN A 553 -2.16 -20.77 -23.35
N GLU A 554 -3.20 -21.10 -24.13
CA GLU A 554 -3.06 -22.16 -25.13
C GLU A 554 -2.17 -21.73 -26.28
N VAL A 555 -2.35 -20.49 -26.75
CA VAL A 555 -1.54 -19.99 -27.87
C VAL A 555 -0.07 -20.00 -27.49
N LEU A 556 0.24 -19.57 -26.25
CA LEU A 556 1.63 -19.53 -25.81
C LEU A 556 2.23 -20.93 -25.72
N LYS A 557 1.47 -21.88 -25.18
CA LYS A 557 1.96 -23.27 -25.09
C LYS A 557 2.36 -23.81 -26.45
N ASP A 558 1.49 -23.67 -27.46
CA ASP A 558 1.85 -24.06 -28.83
C ASP A 558 3.16 -23.43 -29.26
N MET A 559 3.40 -22.16 -28.92
CA MET A 559 4.52 -21.43 -29.48
C MET A 559 5.84 -21.78 -28.80
N VAL A 560 5.87 -21.76 -27.47
CA VAL A 560 7.12 -21.87 -26.73
C VAL A 560 7.20 -23.11 -25.85
N GLY A 561 6.12 -23.90 -25.73
CA GLY A 561 6.13 -25.12 -24.94
C GLY A 561 5.70 -24.96 -23.49
N LEU A 562 5.32 -23.74 -23.08
CA LEU A 562 4.95 -23.42 -21.72
C LEU A 562 3.68 -22.58 -21.77
N ASP A 563 2.77 -22.78 -20.80
CA ASP A 563 1.51 -22.07 -20.82
C ASP A 563 1.49 -20.90 -19.84
N ALA A 564 2.67 -20.39 -19.45
CA ALA A 564 2.74 -19.29 -18.50
C ALA A 564 3.88 -18.33 -18.86
N LEU A 565 3.72 -17.08 -18.39
CA LEU A 565 4.84 -16.14 -18.37
C LEU A 565 5.99 -16.72 -17.56
N ASP A 566 7.21 -16.49 -18.04
CA ASP A 566 8.40 -17.05 -17.42
C ASP A 566 9.59 -16.14 -17.68
N ALA A 567 10.33 -15.82 -16.62
CA ALA A 567 11.45 -14.89 -16.71
C ALA A 567 12.77 -15.56 -17.07
N GLN A 568 12.80 -16.87 -17.22
CA GLN A 568 14.06 -17.57 -17.39
C GLN A 568 14.71 -17.24 -18.73
N PRO A 569 13.96 -17.23 -19.83
CA PRO A 569 14.56 -16.79 -21.12
C PRO A 569 15.22 -15.43 -21.03
N LEU A 570 14.56 -14.45 -20.39
CA LEU A 570 15.19 -13.16 -20.19
C LEU A 570 16.47 -13.29 -19.37
N LEU A 571 16.41 -14.05 -18.27
CA LEU A 571 17.61 -14.22 -17.45
C LEU A 571 18.74 -14.86 -18.24
N LYS A 572 18.42 -15.85 -19.09
CA LYS A 572 19.44 -16.55 -19.86
C LYS A 572 20.06 -15.65 -20.92
N TYR A 573 19.25 -14.82 -21.60
CA TYR A 573 19.78 -13.84 -22.54
C TYR A 573 20.85 -12.97 -21.89
N PHE A 574 20.56 -12.41 -20.70
CA PHE A 574 21.43 -11.41 -20.09
C PHE A 574 22.50 -11.99 -19.16
N GLN A 575 22.54 -13.31 -18.96
CA GLN A 575 23.37 -13.93 -17.93
C GLN A 575 24.79 -13.36 -17.83
N LEU A 576 25.44 -13.09 -18.96
CA LEU A 576 26.86 -12.73 -18.93
C LEU A 576 27.08 -11.35 -18.33
N VAL A 577 26.26 -10.36 -18.69
CA VAL A 577 26.43 -9.03 -18.13
C VAL A 577 25.85 -8.94 -16.70
N THR A 578 24.91 -9.80 -16.35
CA THR A 578 24.44 -9.88 -14.97
C THR A 578 25.62 -10.18 -14.04
N GLN A 579 26.40 -11.22 -14.39
CA GLN A 579 27.58 -11.59 -13.62
C GLN A 579 28.63 -10.49 -13.62
N TRP A 580 28.90 -9.91 -14.79
CA TRP A 580 29.87 -8.82 -14.86
C TRP A 580 29.48 -7.65 -13.97
N LEU A 581 28.20 -7.26 -13.99
CA LEU A 581 27.78 -6.11 -13.19
C LEU A 581 27.90 -6.40 -11.69
N GLN A 582 27.52 -7.61 -11.26
CA GLN A 582 27.71 -8.00 -9.85
C GLN A 582 29.15 -7.76 -9.41
N GLU A 583 30.10 -8.15 -10.25
CA GLU A 583 31.52 -8.10 -9.88
C GLU A 583 32.03 -6.67 -9.90
N GLN A 584 31.64 -5.87 -10.88
CA GLN A 584 31.99 -4.45 -10.87
C GLN A 584 31.48 -3.77 -9.61
N ASN A 585 30.26 -4.10 -9.19
CA ASN A 585 29.65 -3.40 -8.06
C ASN A 585 30.28 -3.82 -6.74
N GLN A 586 30.56 -5.12 -6.57
CA GLN A 586 31.31 -5.55 -5.39
C GLN A 586 32.68 -4.88 -5.36
N GLN A 587 33.43 -4.96 -6.46
CA GLN A 587 34.75 -4.36 -6.51
C GLN A 587 34.73 -2.92 -6.05
N ASN A 588 33.80 -2.13 -6.57
CA ASN A 588 33.70 -0.74 -6.14
C ASN A 588 33.07 -0.59 -4.76
N GLY A 589 32.73 -1.69 -4.09
CA GLY A 589 32.03 -1.64 -2.81
C GLY A 589 30.75 -0.83 -2.80
N GLU A 590 29.87 -1.09 -3.76
CA GLU A 590 28.62 -0.35 -3.89
C GLU A 590 27.61 -0.82 -2.85
N VAL A 591 26.67 0.06 -2.52
CA VAL A 591 25.46 -0.31 -1.81
C VAL A 591 24.37 -0.60 -2.85
N LEU A 592 23.83 -1.81 -2.84
CA LEU A 592 22.71 -2.11 -3.74
C LEU A 592 21.41 -1.63 -3.10
N GLY A 593 20.73 -0.69 -3.76
CA GLY A 593 19.52 -0.10 -3.22
C GLY A 593 19.70 1.37 -2.94
N TRP A 594 18.69 1.95 -2.29
CA TRP A 594 18.66 3.37 -1.95
C TRP A 594 18.14 3.52 -0.52
N PRO A 595 18.92 3.08 0.48
CA PRO A 595 18.45 3.13 1.87
C PRO A 595 18.23 4.54 2.42
N GLU A 596 18.89 5.56 1.88
CA GLU A 596 18.57 6.95 2.22
C GLU A 596 17.37 7.39 1.37
N TYR A 597 16.22 6.81 1.70
CA TYR A 597 15.02 6.96 0.87
C TYR A 597 14.46 8.37 0.90
N GLN A 598 14.89 9.22 1.86
CA GLN A 598 14.39 10.59 1.99
C GLN A 598 15.11 11.59 1.10
N TRP A 599 16.25 11.22 0.55
CA TRP A 599 17.18 12.18 -0.02
C TRP A 599 16.69 12.75 -1.34
N HIS A 600 16.86 14.08 -1.49
CA HIS A 600 16.62 14.81 -2.73
C HIS A 600 17.80 15.72 -3.03
N PRO A 601 18.07 16.04 -4.29
CA PRO A 601 19.22 16.89 -4.59
C PRO A 601 18.92 18.35 -4.30
N PRO A 602 19.95 19.16 -4.06
CA PRO A 602 19.75 20.60 -3.92
C PRO A 602 19.52 21.22 -5.29
N LEU A 603 19.15 22.50 -5.28
CA LEU A 603 19.03 23.22 -6.55
C LEU A 603 20.40 23.67 -7.06
N PRO A 604 20.51 23.90 -8.37
CA PRO A 604 21.67 24.63 -8.88
C PRO A 604 21.69 26.08 -8.39
N ASP A 605 22.87 26.68 -8.49
CA ASP A 605 23.23 27.81 -7.62
C ASP A 605 22.36 29.04 -7.84
N ASN A 606 22.09 29.42 -9.09
CA ASN A 606 21.19 30.54 -9.38
C ASN A 606 20.18 30.08 -10.42
N TYR A 607 19.30 29.19 -9.98
CA TYR A 607 18.35 28.53 -10.85
C TYR A 607 17.00 29.25 -10.81
N PRO A 608 16.38 29.55 -11.95
CA PRO A 608 16.89 29.37 -13.33
C PRO A 608 18.11 30.25 -13.66
N LEU B 1 7.61 -33.85 29.82
CA LEU B 1 6.34 -33.40 30.46
C LEU B 1 5.97 -34.37 31.60
N ASP B 2 5.69 -33.81 32.78
N ASP B 2 5.67 -33.79 32.77
CA ASP B 2 5.38 -34.63 33.93
CA ASP B 2 5.34 -34.60 33.93
C ASP B 2 4.18 -35.53 33.64
C ASP B 2 4.18 -35.56 33.58
N PRO B 3 4.20 -36.78 34.12
CA PRO B 3 3.09 -37.71 33.81
C PRO B 3 1.69 -37.19 34.10
N GLY B 4 1.49 -36.45 35.19
CA GLY B 4 0.16 -36.00 35.52
C GLY B 4 -0.39 -34.93 34.58
N LEU B 5 0.46 -34.32 33.77
CA LEU B 5 0.05 -33.30 32.80
C LEU B 5 -0.14 -33.85 31.39
N GLN B 6 0.09 -35.14 31.17
CA GLN B 6 0.01 -35.73 29.84
C GLN B 6 -1.41 -36.19 29.54
N PRO B 7 -1.88 -36.06 28.28
CA PRO B 7 -3.22 -36.55 27.94
C PRO B 7 -3.29 -38.08 27.87
N GLY B 8 -4.43 -38.61 28.30
CA GLY B 8 -4.69 -40.04 28.19
C GLY B 8 -5.42 -40.40 26.92
N GLN B 9 -6.44 -41.25 27.03
CA GLN B 9 -7.20 -41.73 25.89
C GLN B 9 -8.68 -41.45 26.13
N PHE B 10 -9.40 -41.15 25.05
CA PHE B 10 -10.80 -40.79 25.11
C PHE B 10 -11.46 -41.31 23.83
N SER B 11 -12.76 -41.51 23.88
CA SER B 11 -13.45 -41.95 22.67
C SER B 11 -13.46 -40.85 21.63
N ALA B 12 -13.36 -41.24 20.35
CA ALA B 12 -13.36 -40.29 19.23
C ALA B 12 -14.80 -39.96 18.83
N ASP B 13 -15.51 -39.37 19.79
CA ASP B 13 -16.85 -38.86 19.58
C ASP B 13 -17.07 -37.70 20.55
N GLU B 14 -18.30 -37.18 20.57
CA GLU B 14 -18.57 -35.92 21.27
C GLU B 14 -18.60 -36.11 22.78
N ALA B 15 -19.09 -37.25 23.25
CA ALA B 15 -19.06 -37.49 24.69
C ALA B 15 -17.63 -37.62 25.20
N GLY B 16 -16.73 -38.10 24.34
CA GLY B 16 -15.33 -38.24 24.70
C GLY B 16 -14.59 -36.93 24.64
N ALA B 17 -14.87 -36.11 23.61
CA ALA B 17 -14.32 -34.76 23.55
C ALA B 17 -14.71 -33.95 24.79
N GLN B 18 -15.94 -34.14 25.27
CA GLN B 18 -16.36 -33.48 26.51
C GLN B 18 -15.45 -33.87 27.66
N LEU B 19 -15.13 -35.17 27.78
CA LEU B 19 -14.25 -35.63 28.85
C LEU B 19 -12.83 -35.17 28.61
N PHE B 20 -12.41 -35.14 27.35
CA PHE B 20 -11.10 -34.63 26.98
C PHE B 20 -10.95 -33.17 27.40
N ALA B 21 -12.01 -32.37 27.23
CA ALA B 21 -11.95 -30.95 27.55
C ALA B 21 -11.87 -30.73 29.05
N GLN B 22 -12.60 -31.53 29.83
CA GLN B 22 -12.50 -31.41 31.29
C GLN B 22 -11.12 -31.81 31.78
N SER B 23 -10.51 -32.82 31.15
CA SER B 23 -9.21 -33.27 31.61
C SER B 23 -8.12 -32.26 31.26
N TYR B 24 -8.20 -31.67 30.08
CA TYR B 24 -7.30 -30.59 29.69
C TYR B 24 -7.36 -29.43 30.68
N GLN B 25 -8.57 -28.98 31.00
CA GLN B 25 -8.81 -27.94 32.00
C GLN B 25 -7.97 -28.11 33.25
N SER B 26 -8.08 -29.27 33.89
CA SER B 26 -7.37 -29.53 35.14
C SER B 26 -5.90 -29.16 35.04
N SER B 27 -5.22 -29.68 34.01
CA SER B 27 -3.78 -29.50 33.91
C SER B 27 -3.38 -28.12 33.35
N ALA B 28 -4.23 -27.52 32.51
CA ALA B 28 -3.85 -26.26 31.87
C ALA B 28 -3.73 -25.12 32.87
N GLU B 29 -4.57 -25.10 33.92
CA GLU B 29 -4.44 -24.05 34.94
C GLU B 29 -3.06 -24.08 35.58
N GLN B 30 -2.50 -25.27 35.83
CA GLN B 30 -1.20 -25.33 36.48
C GLN B 30 -0.09 -24.85 35.55
N VAL B 31 -0.20 -25.20 34.27
CA VAL B 31 0.83 -24.85 33.29
C VAL B 31 0.78 -23.36 32.97
N LEU B 32 -0.41 -22.81 32.79
CA LEU B 32 -0.54 -21.36 32.61
C LEU B 32 -0.02 -20.60 33.82
N PHE B 33 -0.37 -21.05 35.03
CA PHE B 33 0.08 -20.33 36.24
C PHE B 33 1.61 -20.26 36.32
N GLN B 34 2.32 -21.38 36.03
CA GLN B 34 3.77 -21.31 36.18
C GLN B 34 4.38 -20.37 35.16
N SER B 35 3.77 -20.29 33.97
CA SER B 35 4.26 -19.36 32.95
C SER B 35 4.00 -17.91 33.33
N VAL B 36 2.79 -17.59 33.82
CA VAL B 36 2.51 -16.20 34.20
C VAL B 36 3.41 -15.77 35.35
N ALA B 37 3.64 -16.66 36.33
CA ALA B 37 4.45 -16.31 37.49
C ALA B 37 5.90 -16.02 37.11
N ALA B 38 6.48 -16.84 36.24
CA ALA B 38 7.83 -16.56 35.78
C ALA B 38 7.88 -15.27 34.96
N SER B 39 6.85 -15.03 34.15
CA SER B 39 6.81 -13.77 33.41
C SER B 39 6.68 -12.58 34.35
N TRP B 40 5.87 -12.72 35.41
CA TRP B 40 5.74 -11.65 36.41
C TRP B 40 7.07 -11.37 37.10
N ALA B 41 7.80 -12.44 37.45
CA ALA B 41 9.09 -12.29 38.12
C ALA B 41 10.12 -11.60 37.24
N HIS B 42 10.05 -11.81 35.93
CA HIS B 42 10.95 -11.10 35.03
C HIS B 42 10.52 -9.64 34.87
N ASP B 43 9.25 -9.40 34.57
CA ASP B 43 8.83 -8.05 34.19
C ASP B 43 8.92 -7.08 35.36
N THR B 44 8.90 -7.56 36.61
CA THR B 44 9.09 -6.71 37.79
C THR B 44 10.52 -6.72 38.32
N ASN B 45 11.46 -7.31 37.57
CA ASN B 45 12.83 -7.50 38.03
C ASN B 45 13.67 -8.08 36.89
N ILE B 46 13.99 -7.24 35.91
CA ILE B 46 14.66 -7.67 34.68
C ILE B 46 16.10 -8.06 35.02
N THR B 47 16.40 -9.36 34.95
CA THR B 47 17.74 -9.89 35.15
C THR B 47 17.95 -11.07 34.20
N ALA B 48 19.22 -11.34 33.89
CA ALA B 48 19.54 -12.47 33.03
C ALA B 48 19.01 -13.79 33.59
N GLU B 49 19.12 -13.97 34.90
CA GLU B 49 18.63 -15.20 35.53
C GLU B 49 17.10 -15.30 35.44
N ASN B 50 16.39 -14.19 35.63
CA ASN B 50 14.93 -14.26 35.54
C ASN B 50 14.46 -14.48 34.10
N ALA B 51 15.22 -14.01 33.11
CA ALA B 51 14.91 -14.35 31.73
C ALA B 51 15.12 -15.84 31.47
N ARG B 52 16.18 -16.41 32.02
CA ARG B 52 16.40 -17.86 31.86
C ARG B 52 15.21 -18.66 32.38
N ARG B 53 14.73 -18.31 33.60
CA ARG B 53 13.60 -19.02 34.18
C ARG B 53 12.33 -18.85 33.38
N GLN B 54 12.11 -17.65 32.83
CA GLN B 54 10.93 -17.39 32.03
C GLN B 54 10.95 -18.24 30.75
N GLU B 55 12.11 -18.32 30.11
CA GLU B 55 12.25 -19.12 28.89
C GLU B 55 12.05 -20.60 29.19
N GLU B 56 12.57 -21.09 30.32
N GLU B 56 12.59 -21.08 30.31
CA GLU B 56 12.34 -22.50 30.62
CA GLU B 56 12.37 -22.46 30.74
C GLU B 56 10.85 -22.76 30.91
C GLU B 56 10.88 -22.74 30.91
N ALA B 57 10.15 -21.79 31.51
CA ALA B 57 8.72 -21.97 31.73
C ALA B 57 7.94 -21.94 30.42
N ALA B 58 8.39 -21.12 29.47
CA ALA B 58 7.72 -21.06 28.17
C ALA B 58 7.93 -22.35 27.39
N LEU B 59 9.09 -22.98 27.54
CA LEU B 59 9.32 -24.27 26.88
C LEU B 59 8.35 -25.32 27.39
N LEU B 60 8.15 -25.36 28.71
CA LEU B 60 7.19 -26.29 29.29
C LEU B 60 5.78 -26.05 28.74
N SER B 61 5.37 -24.78 28.59
CA SER B 61 4.08 -24.49 28.00
C SER B 61 3.99 -25.03 26.57
N GLN B 62 5.08 -24.93 25.81
CA GLN B 62 5.07 -25.46 24.45
C GLN B 62 4.99 -26.98 24.45
N GLU B 63 5.67 -27.63 25.40
CA GLU B 63 5.57 -29.09 25.52
C GLU B 63 4.13 -29.49 25.75
N PHE B 64 3.47 -28.80 26.67
CA PHE B 64 2.09 -29.10 27.03
C PHE B 64 1.15 -28.89 25.84
N ALA B 65 1.28 -27.75 25.15
CA ALA B 65 0.39 -27.47 24.01
C ALA B 65 0.55 -28.50 22.91
N GLU B 66 1.80 -28.90 22.63
CA GLU B 66 2.03 -29.88 21.57
C GLU B 66 1.32 -31.20 21.89
N ALA B 67 1.45 -31.69 23.13
CA ALA B 67 0.89 -33.00 23.47
C ALA B 67 -0.62 -33.00 23.39
N TRP B 68 -1.27 -31.98 23.98
CA TRP B 68 -2.74 -31.93 23.95
C TRP B 68 -3.26 -31.55 22.56
N GLY B 69 -2.52 -30.72 21.83
CA GLY B 69 -2.92 -30.40 20.45
C GLY B 69 -2.94 -31.63 19.54
N GLN B 70 -1.84 -32.39 19.53
CA GLN B 70 -1.76 -33.60 18.69
C GLN B 70 -2.83 -34.63 19.07
N LYS B 71 -3.09 -34.80 20.37
CA LYS B 71 -4.11 -35.77 20.76
C LYS B 71 -5.50 -35.31 20.32
N ALA B 72 -5.74 -33.99 20.34
CA ALA B 72 -7.01 -33.46 19.85
C ALA B 72 -7.24 -33.82 18.37
N LYS B 73 -6.21 -33.71 17.55
CA LYS B 73 -6.36 -34.03 16.14
C LYS B 73 -6.34 -35.53 15.86
N GLU B 74 -5.57 -36.30 16.62
CA GLU B 74 -5.64 -37.76 16.47
C GLU B 74 -7.07 -38.24 16.66
N LEU B 75 -7.76 -37.74 17.70
CA LEU B 75 -9.08 -38.22 18.03
C LEU B 75 -10.20 -37.50 17.28
N TYR B 76 -10.11 -36.18 17.11
CA TYR B 76 -11.29 -35.42 16.75
C TYR B 76 -11.13 -34.56 15.51
N GLU B 77 -10.02 -34.65 14.79
CA GLU B 77 -9.79 -33.75 13.66
C GLU B 77 -10.92 -33.77 12.65
N PRO B 78 -11.49 -34.91 12.25
CA PRO B 78 -12.56 -34.90 11.24
C PRO B 78 -13.98 -34.76 11.77
N ILE B 79 -14.20 -34.61 13.08
CA ILE B 79 -15.54 -34.68 13.63
C ILE B 79 -15.89 -33.52 14.55
N TRP B 80 -14.98 -32.57 14.77
CA TRP B 80 -15.24 -31.58 15.82
C TRP B 80 -16.06 -30.39 15.33
N GLN B 81 -15.95 -30.03 14.06
CA GLN B 81 -16.75 -28.93 13.55
C GLN B 81 -18.23 -29.25 13.54
N GLN B 82 -18.61 -30.52 13.67
CA GLN B 82 -19.99 -30.94 13.67
C GLN B 82 -20.56 -31.13 15.06
N PHE B 83 -19.74 -30.99 16.11
CA PHE B 83 -20.25 -31.17 17.47
C PHE B 83 -21.40 -30.21 17.71
N THR B 84 -22.39 -30.67 18.47
CA THR B 84 -23.60 -29.86 18.68
C THR B 84 -23.44 -28.82 19.79
N ASP B 85 -22.49 -29.01 20.72
CA ASP B 85 -22.24 -28.06 21.80
C ASP B 85 -21.32 -26.96 21.28
N PRO B 86 -21.81 -25.72 21.14
CA PRO B 86 -20.96 -24.68 20.54
C PRO B 86 -19.79 -24.27 21.43
N GLN B 87 -19.93 -24.33 22.76
CA GLN B 87 -18.79 -24.04 23.61
C GLN B 87 -17.70 -25.10 23.45
N LEU B 88 -18.10 -26.36 23.28
CA LEU B 88 -17.12 -27.42 23.07
C LEU B 88 -16.34 -27.20 21.77
N ARG B 89 -17.05 -26.87 20.68
CA ARG B 89 -16.37 -26.60 19.42
C ARG B 89 -15.33 -25.48 19.57
N ARG B 90 -15.58 -24.52 20.47
CA ARG B 90 -14.64 -23.43 20.66
C ARG B 90 -13.41 -23.88 21.45
N ILE B 91 -13.61 -24.70 22.48
CA ILE B 91 -12.48 -25.23 23.24
C ILE B 91 -11.60 -26.10 22.35
N ILE B 92 -12.20 -27.03 21.61
CA ILE B 92 -11.41 -27.90 20.72
C ILE B 92 -10.69 -27.07 19.67
N GLY B 93 -11.37 -26.09 19.05
CA GLY B 93 -10.70 -25.24 18.08
C GLY B 93 -9.48 -24.55 18.65
N ALA B 94 -9.55 -24.12 19.90
CA ALA B 94 -8.39 -23.47 20.53
C ALA B 94 -7.25 -24.46 20.74
N VAL B 95 -7.56 -25.65 21.27
CA VAL B 95 -6.50 -26.58 21.65
C VAL B 95 -5.73 -27.09 20.42
N ARG B 96 -6.40 -27.26 19.27
CA ARG B 96 -5.73 -27.69 18.04
C ARG B 96 -4.73 -26.69 17.49
N THR B 97 -4.80 -25.43 17.92
CA THR B 97 -3.93 -24.39 17.37
C THR B 97 -2.67 -24.39 18.23
N LEU B 98 -1.55 -24.75 17.61
CA LEU B 98 -0.33 -24.99 18.38
C LEU B 98 0.60 -23.79 18.41
N GLY B 99 0.51 -22.91 17.42
CA GLY B 99 1.38 -21.73 17.42
C GLY B 99 2.84 -22.10 17.44
N SER B 100 3.58 -21.46 18.35
CA SER B 100 5.02 -21.65 18.42
C SER B 100 5.39 -23.07 18.81
N ALA B 101 4.45 -23.84 19.38
CA ALA B 101 4.71 -25.23 19.68
C ALA B 101 4.83 -26.09 18.43
N ASN B 102 4.47 -25.57 17.24
CA ASN B 102 4.74 -26.27 15.98
C ASN B 102 6.22 -26.28 15.62
N LEU B 103 7.02 -25.44 16.26
CA LEU B 103 8.44 -25.32 15.92
C LEU B 103 9.24 -26.48 16.52
N PRO B 104 10.29 -26.93 15.84
CA PRO B 104 11.22 -27.88 16.45
C PRO B 104 11.93 -27.23 17.64
N LEU B 105 12.43 -28.09 18.54
CA LEU B 105 12.89 -27.63 19.84
C LEU B 105 13.92 -26.51 19.72
N ALA B 106 14.92 -26.66 18.85
CA ALA B 106 15.97 -25.66 18.78
C ALA B 106 15.42 -24.31 18.30
N LYS B 107 14.41 -24.34 17.45
CA LYS B 107 13.77 -23.11 17.01
C LYS B 107 12.82 -22.56 18.06
N ARG B 108 12.21 -23.43 18.87
CA ARG B 108 11.45 -22.96 20.04
C ARG B 108 12.32 -22.11 20.95
N GLN B 109 13.54 -22.59 21.21
CA GLN B 109 14.43 -21.87 22.11
C GLN B 109 14.89 -20.55 21.49
N GLN B 110 15.13 -20.53 20.18
N GLN B 110 15.17 -20.55 20.17
CA GLN B 110 15.50 -19.27 19.53
CA GLN B 110 15.48 -19.30 19.48
C GLN B 110 14.36 -18.27 19.60
C GLN B 110 14.36 -18.30 19.65
N TYR B 111 13.12 -18.74 19.40
CA TYR B 111 11.95 -17.88 19.51
C TYR B 111 11.79 -17.29 20.90
N ASN B 112 11.84 -18.13 21.96
CA ASN B 112 11.67 -17.66 23.32
C ASN B 112 12.79 -16.69 23.73
N ALA B 113 14.02 -16.93 23.26
CA ALA B 113 15.11 -16.02 23.58
C ALA B 113 14.96 -14.69 22.86
N LEU B 114 14.43 -14.71 21.63
CA LEU B 114 14.21 -13.46 20.93
C LEU B 114 13.20 -12.59 21.67
N LEU B 115 12.10 -13.20 22.16
CA LEU B 115 11.13 -12.42 22.93
C LEU B 115 11.77 -11.78 24.17
N SER B 116 12.56 -12.56 24.92
CA SER B 116 13.21 -12.01 26.11
C SER B 116 14.10 -10.84 25.75
N GLN B 117 14.91 -11.00 24.71
CA GLN B 117 15.93 -10.01 24.40
C GLN B 117 15.28 -8.72 23.86
N MET B 118 14.22 -8.86 23.04
CA MET B 118 13.51 -7.66 22.57
C MET B 118 12.84 -6.94 23.73
N SER B 119 12.30 -7.68 24.70
CA SER B 119 11.69 -7.05 25.87
C SER B 119 12.74 -6.26 26.65
N ARG B 120 13.90 -6.88 26.91
CA ARG B 120 14.94 -6.21 27.68
C ARG B 120 15.39 -4.93 26.99
N ILE B 121 15.60 -4.98 25.67
CA ILE B 121 16.10 -3.82 24.96
C ILE B 121 15.15 -2.64 25.12
N TYR B 122 13.86 -2.87 24.91
CA TYR B 122 12.89 -1.78 24.97
C TYR B 122 12.79 -1.20 26.38
N SER B 123 12.73 -2.07 27.40
CA SER B 123 12.44 -1.58 28.75
C SER B 123 13.67 -1.14 29.52
N THR B 124 14.88 -1.34 29.00
CA THR B 124 16.09 -0.87 29.67
C THR B 124 16.83 0.21 28.88
N ALA B 125 16.36 0.58 27.70
CA ALA B 125 17.03 1.61 26.91
C ALA B 125 17.00 2.96 27.63
N LYS B 126 18.09 3.73 27.45
CA LYS B 126 18.29 5.02 28.10
C LYS B 126 18.75 6.05 27.08
N VAL B 127 18.52 7.32 27.41
CA VAL B 127 18.98 8.47 26.62
C VAL B 127 19.90 9.29 27.50
N CYS B 128 21.19 9.35 27.15
CA CYS B 128 22.17 10.04 27.97
C CYS B 128 22.56 11.38 27.36
N LEU B 129 23.19 12.22 28.24
CA LEU B 129 23.61 13.61 28.08
C LEU B 129 25.10 13.70 27.76
N PRO B 130 25.54 14.68 26.97
CA PRO B 130 26.98 14.90 26.73
C PRO B 130 27.84 14.79 27.99
N ALA B 134 26.11 12.79 32.34
CA ALA B 134 26.34 11.91 33.48
C ALA B 134 25.13 11.02 33.74
N THR B 135 24.00 11.68 33.96
CA THR B 135 22.78 11.03 34.41
C THR B 135 21.90 10.72 33.21
N CYS B 136 21.56 9.43 33.03
CA CYS B 136 20.84 8.97 31.85
C CYS B 136 19.36 8.82 32.13
N TRP B 137 18.53 9.14 31.13
CA TRP B 137 17.09 9.26 31.29
C TRP B 137 16.35 8.02 30.84
N SER B 138 15.33 7.62 31.61
N SER B 138 15.32 7.64 31.60
CA SER B 138 14.46 6.53 31.21
CA SER B 138 14.44 6.54 31.24
C SER B 138 13.25 7.05 30.45
C SER B 138 13.25 7.07 30.44
N LEU B 139 12.60 6.15 29.71
CA LEU B 139 11.37 6.53 29.02
C LEU B 139 10.29 6.98 30.01
N ASP B 140 10.06 6.18 31.06
CA ASP B 140 9.05 6.46 32.07
C ASP B 140 9.75 6.53 33.42
N PRO B 141 9.79 7.67 34.10
CA PRO B 141 9.10 8.94 33.82
C PRO B 141 9.84 10.02 33.02
N ASP B 142 11.15 9.91 32.82
CA ASP B 142 11.95 11.09 32.45
C ASP B 142 11.58 11.64 31.07
N LEU B 143 11.65 10.80 30.03
CA LEU B 143 11.38 11.28 28.68
C LEU B 143 9.89 11.59 28.49
N THR B 144 9.02 10.81 29.13
CA THR B 144 7.58 11.08 29.11
C THR B 144 7.29 12.49 29.62
N ASN B 145 7.92 12.86 30.75
CA ASN B 145 7.67 14.18 31.33
C ASN B 145 8.20 15.30 30.42
N ILE B 146 9.36 15.12 29.78
CA ILE B 146 9.86 16.11 28.82
C ILE B 146 8.87 16.29 27.67
N LEU B 147 8.43 15.20 27.03
CA LEU B 147 7.53 15.33 25.90
C LEU B 147 6.22 16.00 26.30
N ALA B 148 5.76 15.81 27.55
CA ALA B 148 4.49 16.37 27.99
C ALA B 148 4.56 17.88 28.31
N SER B 149 5.66 18.37 28.87
CA SER B 149 5.69 19.72 29.42
C SER B 149 6.73 20.69 28.83
N SER B 150 7.77 20.21 28.15
CA SER B 150 8.76 21.14 27.58
C SER B 150 8.21 21.89 26.38
N ARG B 151 8.49 23.19 26.32
N ARG B 151 8.50 23.20 26.34
CA ARG B 151 8.25 23.97 25.12
CA ARG B 151 8.26 24.03 25.17
C ARG B 151 9.57 24.52 24.56
C ARG B 151 9.57 24.50 24.52
N SER B 152 10.67 23.82 24.81
CA SER B 152 11.93 24.04 24.11
C SER B 152 12.00 23.11 22.89
N TYR B 153 12.02 23.68 21.69
CA TYR B 153 12.06 22.86 20.49
C TYR B 153 13.23 21.89 20.54
N ALA B 154 14.39 22.35 21.01
CA ALA B 154 15.61 21.54 20.95
C ALA B 154 15.60 20.43 22.00
N MET B 155 15.10 20.71 23.19
CA MET B 155 15.00 19.66 24.21
C MET B 155 14.03 18.57 23.76
N LEU B 156 12.88 18.98 23.22
CA LEU B 156 11.93 18.00 22.69
C LEU B 156 12.58 17.15 21.60
N LEU B 157 13.36 17.77 20.72
CA LEU B 157 14.01 17.01 19.65
C LEU B 157 15.04 16.03 20.20
N PHE B 158 15.84 16.45 21.16
CA PHE B 158 16.85 15.57 21.75
C PHE B 158 16.21 14.33 22.37
N ALA B 159 15.07 14.50 23.06
CA ALA B 159 14.38 13.38 23.68
C ALA B 159 13.74 12.47 22.62
N TRP B 160 13.14 13.06 21.58
CA TRP B 160 12.50 12.28 20.53
C TRP B 160 13.52 11.50 19.72
N GLU B 161 14.58 12.17 19.25
CA GLU B 161 15.62 11.48 18.49
C GLU B 161 16.36 10.47 19.35
N GLY B 162 16.72 10.85 20.57
CA GLY B 162 17.44 9.95 21.44
C GLY B 162 16.69 8.66 21.72
N TRP B 163 15.38 8.74 21.99
CA TRP B 163 14.61 7.55 22.29
C TRP B 163 14.49 6.63 21.06
N HIS B 164 14.11 7.20 19.90
CA HIS B 164 13.92 6.40 18.70
C HIS B 164 15.23 5.73 18.27
N ASN B 165 16.38 6.42 18.40
CA ASN B 165 17.65 5.78 18.09
C ASN B 165 18.01 4.69 19.11
N ALA B 166 17.83 4.97 20.41
CA ALA B 166 18.28 4.05 21.45
C ALA B 166 17.50 2.74 21.44
N ALA B 167 16.18 2.82 21.30
CA ALA B 167 15.32 1.64 21.34
C ALA B 167 15.25 0.92 19.98
N GLY B 168 15.08 1.69 18.90
CA GLY B 168 14.78 1.09 17.59
C GLY B 168 15.95 0.42 16.89
N ILE B 169 17.13 1.06 16.86
CA ILE B 169 18.23 0.54 16.05
C ILE B 169 18.68 -0.86 16.50
N PRO B 170 18.94 -1.12 17.78
CA PRO B 170 19.36 -2.48 18.17
C PRO B 170 18.28 -3.54 17.99
N LEU B 171 17.00 -3.14 17.91
CA LEU B 171 15.92 -4.11 17.77
C LEU B 171 15.81 -4.70 16.36
N LYS B 172 16.25 -3.96 15.33
CA LYS B 172 15.92 -4.36 13.96
C LYS B 172 16.37 -5.78 13.61
N PRO B 173 17.61 -6.19 13.83
CA PRO B 173 17.99 -7.57 13.46
C PRO B 173 17.19 -8.66 14.15
N LEU B 174 16.83 -8.43 15.41
CA LEU B 174 16.04 -9.43 16.13
C LEU B 174 14.62 -9.49 15.61
N TYR B 175 14.03 -8.31 15.27
CA TYR B 175 12.66 -8.28 14.78
C TYR B 175 12.53 -9.04 13.45
N GLU B 176 13.54 -8.94 12.59
N GLU B 176 13.55 -8.93 12.58
CA GLU B 176 13.52 -9.73 11.35
CA GLU B 176 13.57 -9.71 11.35
C GLU B 176 13.48 -11.22 11.65
C GLU B 176 13.50 -11.21 11.64
N ASP B 177 14.35 -11.69 12.54
CA ASP B 177 14.39 -13.12 12.86
C ASP B 177 13.09 -13.59 13.52
N PHE B 178 12.51 -12.76 14.42
CA PHE B 178 11.26 -13.14 15.07
C PHE B 178 10.13 -13.28 14.05
N THR B 179 10.08 -12.36 13.08
CA THR B 179 9.02 -12.40 12.08
C THR B 179 9.05 -13.70 11.30
N ALA B 180 10.23 -14.11 10.88
CA ALA B 180 10.36 -15.36 10.11
C ALA B 180 9.91 -16.57 10.94
N LEU B 181 10.38 -16.68 12.18
CA LEU B 181 10.02 -17.83 13.01
C LEU B 181 8.53 -17.86 13.32
N SER B 182 7.94 -16.69 13.59
CA SER B 182 6.51 -16.62 13.88
C SER B 182 5.70 -17.10 12.70
N ASN B 183 6.03 -16.63 11.49
CA ASN B 183 5.36 -17.09 10.28
C ASN B 183 5.53 -18.60 10.09
N GLU B 184 6.74 -19.11 10.31
CA GLU B 184 6.98 -20.54 10.19
C GLU B 184 6.06 -21.34 11.11
N ALA B 185 5.91 -20.86 12.35
CA ALA B 185 5.06 -21.54 13.31
C ALA B 185 3.61 -21.59 12.87
N TYR B 186 3.05 -20.44 12.45
CA TYR B 186 1.60 -20.38 12.20
C TYR B 186 1.22 -20.93 10.82
N LYS B 187 2.18 -21.03 9.91
CA LYS B 187 1.90 -21.73 8.65
C LYS B 187 1.50 -23.18 8.88
N GLN B 188 2.04 -23.82 9.92
CA GLN B 188 1.67 -25.18 10.24
C GLN B 188 0.30 -25.31 10.89
N ASP B 189 -0.34 -24.19 11.28
CA ASP B 189 -1.73 -24.19 11.71
C ASP B 189 -2.69 -23.87 10.57
N GLY B 190 -2.19 -23.68 9.37
CA GLY B 190 -3.03 -23.38 8.22
C GLY B 190 -3.19 -21.92 7.86
N PHE B 191 -2.48 -21.01 8.51
CA PHE B 191 -2.55 -19.58 8.17
C PHE B 191 -1.42 -19.17 7.23
N THR B 192 -1.74 -18.30 6.27
CA THR B 192 -0.76 -17.84 5.29
C THR B 192 0.38 -17.04 5.93
N ASP B 193 0.09 -16.31 7.01
CA ASP B 193 1.12 -15.61 7.78
C ASP B 193 0.53 -15.25 9.16
N THR B 194 1.38 -14.70 10.04
CA THR B 194 0.94 -14.44 11.40
C THR B 194 -0.19 -13.42 11.46
N GLY B 195 -0.12 -12.38 10.62
CA GLY B 195 -1.19 -11.40 10.57
C GLY B 195 -2.55 -12.02 10.32
N ALA B 196 -2.62 -13.03 9.44
CA ALA B 196 -3.90 -13.69 9.17
C ALA B 196 -4.42 -14.41 10.41
N TYR B 197 -3.54 -15.01 11.20
CA TYR B 197 -3.98 -15.62 12.45
C TYR B 197 -4.53 -14.54 13.38
N TRP B 198 -3.83 -13.42 13.53
CA TRP B 198 -4.32 -12.35 14.42
C TRP B 198 -5.71 -11.84 13.98
N ARG B 199 -5.91 -11.63 12.65
CA ARG B 199 -7.20 -11.13 12.19
C ARG B 199 -8.33 -12.13 12.36
N SER B 200 -8.03 -13.44 12.45
CA SER B 200 -9.08 -14.43 12.55
C SER B 200 -9.79 -14.41 13.90
N TRP B 201 -9.21 -13.78 14.93
CA TRP B 201 -9.90 -13.66 16.20
C TRP B 201 -11.22 -12.90 16.09
N TYR B 202 -11.42 -12.09 15.05
CA TYR B 202 -12.65 -11.32 14.91
C TYR B 202 -13.73 -12.07 14.11
N ASN B 203 -13.47 -13.32 13.72
CA ASN B 203 -14.43 -14.12 12.98
C ASN B 203 -15.32 -13.31 12.05
N SER B 204 -14.72 -12.61 11.09
N SER B 204 -14.72 -12.57 11.12
CA SER B 204 -15.44 -11.75 10.16
CA SER B 204 -15.46 -11.77 10.16
C SER B 204 -14.73 -11.73 8.82
C SER B 204 -14.73 -11.79 8.82
N PRO B 205 -15.37 -12.22 7.74
CA PRO B 205 -14.68 -12.26 6.44
C PRO B 205 -14.49 -10.89 5.81
N THR B 206 -15.19 -9.86 6.28
CA THR B 206 -15.08 -8.51 5.75
C THR B 206 -14.34 -7.55 6.69
N PHE B 207 -13.50 -8.08 7.60
CA PHE B 207 -12.90 -7.27 8.65
C PHE B 207 -12.16 -6.04 8.10
N GLU B 208 -11.24 -6.24 7.13
CA GLU B 208 -10.43 -5.12 6.68
C GLU B 208 -11.27 -4.07 5.95
N ASP B 209 -12.20 -4.49 5.09
CA ASP B 209 -13.09 -3.52 4.45
C ASP B 209 -13.95 -2.79 5.46
N ASP B 210 -14.46 -3.52 6.46
CA ASP B 210 -15.31 -2.92 7.48
C ASP B 210 -14.57 -1.84 8.27
N LEU B 211 -13.28 -2.08 8.58
CA LEU B 211 -12.47 -1.08 9.28
C LEU B 211 -12.25 0.14 8.40
N GLU B 212 -11.99 -0.08 7.11
CA GLU B 212 -11.74 1.04 6.17
C GLU B 212 -12.97 1.94 6.06
N HIS B 213 -14.18 1.35 6.08
CA HIS B 213 -15.40 2.14 6.00
C HIS B 213 -15.65 2.94 7.26
N LEU B 214 -15.22 2.40 8.41
CA LEU B 214 -15.29 3.14 9.66
C LEU B 214 -14.35 4.34 9.62
N TYR B 215 -13.10 4.12 9.20
CA TYR B 215 -12.15 5.24 9.18
C TYR B 215 -12.60 6.36 8.22
N GLN B 216 -13.17 6.00 7.06
CA GLN B 216 -13.68 7.02 6.14
C GLN B 216 -14.70 7.93 6.80
N GLN B 217 -15.51 7.40 7.73
CA GLN B 217 -16.47 8.23 8.44
C GLN B 217 -15.83 9.12 9.50
N LEU B 218 -14.75 8.64 10.13
CA LEU B 218 -14.05 9.34 11.20
C LEU B 218 -13.02 10.36 10.70
N GLU B 219 -12.43 10.14 9.52
CA GLU B 219 -11.33 11.00 9.06
C GLU B 219 -11.66 12.50 9.04
N PRO B 220 -12.84 12.95 8.62
CA PRO B 220 -13.12 14.40 8.64
C PRO B 220 -12.93 15.04 10.01
N LEU B 221 -13.29 14.32 11.06
CA LEU B 221 -13.10 14.83 12.42
C LEU B 221 -11.61 15.01 12.73
N TYR B 222 -10.79 14.00 12.39
CA TYR B 222 -9.34 14.10 12.59
C TYR B 222 -8.75 15.27 11.80
N LEU B 223 -9.13 15.41 10.52
CA LEU B 223 -8.56 16.48 9.69
C LEU B 223 -8.81 17.86 10.29
N ASN B 224 -10.00 18.07 10.86
CA ASN B 224 -10.33 19.38 11.43
C ASN B 224 -9.62 19.59 12.77
N LEU B 225 -9.52 18.55 13.63
CA LEU B 225 -8.75 18.72 14.86
C LEU B 225 -7.28 19.05 14.53
N HIS B 226 -6.71 18.29 13.58
CA HIS B 226 -5.33 18.46 13.11
C HIS B 226 -5.06 19.89 12.63
N ALA B 227 -5.94 20.43 11.81
CA ALA B 227 -5.74 21.78 11.27
C ALA B 227 -5.81 22.83 12.37
N PHE B 228 -6.71 22.65 13.34
CA PHE B 228 -6.87 23.57 14.45
C PHE B 228 -5.65 23.58 15.37
N VAL B 229 -5.13 22.40 15.71
CA VAL B 229 -3.94 22.29 16.54
C VAL B 229 -2.69 22.76 15.78
N ARG B 230 -2.60 22.49 14.47
CA ARG B 230 -1.46 22.97 13.67
C ARG B 230 -1.38 24.50 13.70
N ARG B 231 -2.52 25.16 13.58
CA ARG B 231 -2.56 26.62 13.67
C ARG B 231 -2.05 27.11 15.02
N ALA B 232 -2.44 26.44 16.11
CA ALA B 232 -1.99 26.83 17.44
C ALA B 232 -0.49 26.66 17.59
N LEU B 233 0.06 25.57 17.02
CA LEU B 233 1.49 25.34 17.08
C LEU B 233 2.27 26.38 16.27
N HIS B 234 1.70 26.83 15.16
CA HIS B 234 2.32 27.89 14.36
C HIS B 234 2.43 29.18 15.17
N ARG B 235 1.42 29.49 15.99
CA ARG B 235 1.50 30.68 16.83
C ARG B 235 2.58 30.54 17.90
N ARG B 236 2.87 29.31 18.34
N ARG B 236 2.87 29.32 18.33
CA ARG B 236 3.82 29.06 19.42
CA ARG B 236 3.84 29.11 19.41
C ARG B 236 5.26 29.04 18.90
C ARG B 236 5.28 29.05 18.90
N TYR B 237 5.52 28.28 17.84
CA TYR B 237 6.89 28.08 17.37
C TYR B 237 7.27 28.94 16.16
N GLY B 238 6.30 29.34 15.34
CA GLY B 238 6.55 30.23 14.21
C GLY B 238 6.73 29.50 12.88
N ASP B 239 6.83 30.31 11.82
CA ASP B 239 6.79 29.82 10.44
C ASP B 239 8.04 29.02 10.05
N ARG B 240 9.12 29.09 10.82
CA ARG B 240 10.30 28.28 10.54
C ARG B 240 10.05 26.79 10.85
N TYR B 241 9.33 26.50 11.92
CA TYR B 241 9.15 25.13 12.38
C TYR B 241 7.78 24.54 12.04
N ILE B 242 6.83 25.34 11.58
CA ILE B 242 5.49 24.86 11.29
C ILE B 242 5.07 25.33 9.91
N ASN B 243 4.62 24.40 9.07
CA ASN B 243 4.12 24.64 7.73
C ASN B 243 2.60 24.44 7.75
N LEU B 244 1.85 25.53 7.52
CA LEU B 244 0.39 25.49 7.64
C LEU B 244 -0.27 24.66 6.53
N ARG B 245 0.50 24.22 5.54
CA ARG B 245 -0.01 23.29 4.53
C ARG B 245 0.78 21.98 4.52
N GLY B 246 1.54 21.70 5.57
CA GLY B 246 2.36 20.50 5.62
C GLY B 246 2.14 19.70 6.88
N PRO B 247 2.83 18.55 7.02
CA PRO B 247 2.65 17.70 8.21
C PRO B 247 3.26 18.31 9.44
N ILE B 248 2.72 17.94 10.60
CA ILE B 248 3.20 18.49 11.88
C ILE B 248 4.46 17.75 12.29
N PRO B 249 5.51 18.43 12.73
CA PRO B 249 6.67 17.70 13.31
C PRO B 249 6.27 16.80 14.48
N ALA B 250 6.75 15.54 14.44
CA ALA B 250 6.21 14.47 15.28
C ALA B 250 6.52 14.59 16.79
N HIS B 251 7.32 15.56 17.23
CA HIS B 251 7.71 15.70 18.64
C HIS B 251 6.99 16.83 19.41
N LEU B 252 6.00 17.50 18.81
CA LEU B 252 5.43 18.73 19.35
C LEU B 252 4.04 18.58 19.97
N LEU B 253 3.51 17.36 20.06
CA LEU B 253 2.10 17.11 20.36
C LEU B 253 1.88 16.53 21.76
N GLY B 254 2.88 16.62 22.67
CA GLY B 254 2.72 16.21 24.06
C GLY B 254 3.06 14.77 24.41
N ASP B 255 3.34 13.92 23.41
CA ASP B 255 3.44 12.47 23.57
C ASP B 255 4.52 11.93 22.65
N MET B 256 5.29 10.94 23.13
CA MET B 256 6.44 10.44 22.36
C MET B 256 6.05 9.92 20.98
N TRP B 257 4.82 9.40 20.83
CA TRP B 257 4.35 8.82 19.57
C TRP B 257 3.31 9.68 18.87
N ALA B 258 3.08 10.93 19.35
CA ALA B 258 2.01 11.80 18.85
C ALA B 258 0.64 11.08 18.80
N GLN B 259 0.42 10.11 19.70
CA GLN B 259 -0.81 9.31 19.66
C GLN B 259 -1.94 9.85 20.50
N THR B 260 -1.66 10.69 21.51
CA THR B 260 -2.67 11.38 22.29
C THR B 260 -2.14 12.78 22.55
N TRP B 261 -2.99 13.79 22.38
CA TRP B 261 -2.58 15.20 22.40
C TRP B 261 -3.02 15.93 23.67
N SER B 262 -3.43 15.20 24.72
CA SER B 262 -3.96 15.80 25.94
C SER B 262 -3.03 16.83 26.54
N ASN B 263 -1.72 16.60 26.44
CA ASN B 263 -0.77 17.45 27.15
C ASN B 263 -0.56 18.83 26.53
N ILE B 264 -1.10 19.11 25.34
N ILE B 264 -1.10 19.11 25.34
CA ILE B 264 -1.06 20.46 24.79
CA ILE B 264 -1.06 20.47 24.78
C ILE B 264 -2.44 21.14 24.88
C ILE B 264 -2.44 21.14 24.88
N TYR B 265 -3.33 20.61 25.72
CA TYR B 265 -4.61 21.28 25.96
C TYR B 265 -4.44 22.73 26.41
N ASP B 266 -3.47 23.00 27.29
CA ASP B 266 -3.29 24.38 27.77
C ASP B 266 -2.99 25.34 26.63
N MET B 267 -2.46 24.85 25.52
N MET B 267 -2.49 24.82 25.52
CA MET B 267 -2.18 25.72 24.37
CA MET B 267 -2.13 25.58 24.33
C MET B 267 -3.46 26.10 23.63
C MET B 267 -3.34 25.93 23.47
N VAL B 268 -4.45 25.19 23.58
CA VAL B 268 -5.60 25.35 22.69
C VAL B 268 -6.92 25.59 23.38
N VAL B 269 -6.99 25.63 24.71
CA VAL B 269 -8.26 25.74 25.43
C VAL B 269 -9.09 26.91 24.91
N PRO B 270 -10.30 26.65 24.39
CA PRO B 270 -11.04 27.73 23.70
C PRO B 270 -11.50 28.87 24.59
N PHE B 271 -11.96 28.58 25.82
CA PHE B 271 -12.59 29.58 26.71
C PHE B 271 -11.97 29.48 28.10
N PRO B 272 -10.80 30.09 28.28
CA PRO B 272 -10.05 29.92 29.55
C PRO B 272 -10.70 30.58 30.78
N ASP B 273 -11.76 31.37 30.61
CA ASP B 273 -12.51 31.93 31.72
C ASP B 273 -13.41 30.90 32.41
N LYS B 274 -13.66 29.75 31.77
CA LYS B 274 -14.52 28.71 32.32
C LYS B 274 -13.71 27.78 33.23
N PRO B 275 -14.37 26.84 33.91
CA PRO B 275 -13.66 26.04 34.92
C PRO B 275 -12.44 25.35 34.32
N ASN B 276 -11.38 25.27 35.12
CA ASN B 276 -10.10 24.79 34.61
C ASN B 276 -10.07 23.25 34.68
N LEU B 277 -10.22 22.61 33.52
CA LEU B 277 -10.36 21.16 33.46
C LEU B 277 -9.06 20.39 33.62
N ASP B 278 -7.91 21.06 33.76
CA ASP B 278 -6.67 20.33 34.02
C ASP B 278 -6.52 20.20 35.54
N VAL B 279 -7.07 19.12 36.08
CA VAL B 279 -7.17 18.98 37.53
C VAL B 279 -5.96 18.33 38.16
N THR B 280 -4.91 18.04 37.38
CA THR B 280 -3.72 17.43 37.96
C THR B 280 -3.18 18.23 39.15
N SER B 281 -3.17 19.56 39.05
CA SER B 281 -2.60 20.36 40.14
C SER B 281 -3.44 20.23 41.41
N THR B 282 -4.76 20.03 41.29
CA THR B 282 -5.58 19.79 42.47
C THR B 282 -5.26 18.43 43.10
N MET B 283 -5.03 17.39 42.26
CA MET B 283 -4.65 16.09 42.78
C MET B 283 -3.39 16.18 43.64
N LEU B 284 -2.39 16.93 43.16
CA LEU B 284 -1.13 17.09 43.88
C LEU B 284 -1.33 17.88 45.18
N GLN B 285 -2.18 18.91 45.13
CA GLN B 285 -2.42 19.76 46.29
C GLN B 285 -3.12 18.99 47.40
N GLN B 286 -4.01 18.07 47.04
CA GLN B 286 -4.75 17.26 48.01
C GLN B 286 -3.99 16.01 48.46
N GLY B 287 -2.80 15.75 47.92
CA GLY B 287 -2.00 14.63 48.35
C GLY B 287 -2.33 13.28 47.76
N TRP B 288 -2.96 13.23 46.57
CA TRP B 288 -3.22 11.94 45.94
C TRP B 288 -1.91 11.21 45.65
N GLN B 289 -1.93 9.89 45.86
CA GLN B 289 -0.87 8.99 45.47
C GLN B 289 -1.46 7.81 44.70
N ALA B 290 -0.57 6.95 44.19
CA ALA B 290 -1.03 5.83 43.37
C ALA B 290 -2.14 5.03 44.02
N THR B 291 -1.98 4.65 45.30
CA THR B 291 -2.98 3.77 45.92
C THR B 291 -4.33 4.47 46.05
N HIS B 292 -4.34 5.78 46.33
CA HIS B 292 -5.61 6.51 46.32
C HIS B 292 -6.27 6.42 44.95
N MET B 293 -5.49 6.57 43.88
CA MET B 293 -6.05 6.51 42.54
C MET B 293 -6.74 5.18 42.27
N PHE B 294 -6.11 4.06 42.67
CA PHE B 294 -6.71 2.74 42.49
C PHE B 294 -7.95 2.54 43.38
N ARG B 295 -7.95 3.10 44.59
CA ARG B 295 -9.13 2.99 45.47
C ARG B 295 -10.33 3.75 44.93
N VAL B 296 -10.10 4.94 44.35
CA VAL B 296 -11.19 5.69 43.74
C VAL B 296 -11.75 4.97 42.52
N ALA B 297 -10.88 4.37 41.68
CA ALA B 297 -11.36 3.54 40.58
C ALA B 297 -12.20 2.35 41.06
N GLU B 298 -11.69 1.58 42.04
CA GLU B 298 -12.45 0.46 42.61
C GLU B 298 -13.85 0.87 43.05
N GLU B 299 -13.98 2.04 43.68
CA GLU B 299 -15.27 2.42 44.25
C GLU B 299 -16.28 2.77 43.17
N PHE B 300 -15.84 3.28 42.00
CA PHE B 300 -16.74 3.36 40.85
C PHE B 300 -17.27 1.97 40.48
N PHE B 301 -16.39 0.97 40.39
CA PHE B 301 -16.85 -0.38 40.06
C PHE B 301 -17.87 -0.87 41.09
N THR B 302 -17.60 -0.65 42.38
CA THR B 302 -18.53 -1.16 43.38
C THR B 302 -19.83 -0.34 43.47
N SER B 303 -19.81 0.91 42.99
CA SER B 303 -21.04 1.69 42.91
C SER B 303 -22.02 1.04 41.94
N LEU B 304 -21.51 0.32 40.94
CA LEU B 304 -22.36 -0.36 39.98
C LEU B 304 -22.72 -1.78 40.44
N GLU B 305 -22.30 -2.15 41.66
CA GLU B 305 -22.49 -3.50 42.21
C GLU B 305 -21.71 -4.54 41.43
N LEU B 306 -20.56 -4.15 40.88
CA LEU B 306 -19.56 -5.09 40.40
C LEU B 306 -18.57 -5.35 41.54
N SER B 307 -17.54 -6.17 41.27
CA SER B 307 -16.76 -6.72 42.37
C SER B 307 -15.60 -5.79 42.77
N PRO B 308 -15.30 -5.73 44.07
CA PRO B 308 -14.06 -5.05 44.52
C PRO B 308 -12.82 -5.85 44.14
N MET B 309 -11.63 -5.22 44.33
CA MET B 309 -10.38 -5.95 44.12
C MET B 309 -10.08 -6.84 45.33
N PRO B 310 -9.66 -8.09 45.14
CA PRO B 310 -9.45 -8.99 46.29
C PRO B 310 -8.14 -8.67 47.02
N PRO B 311 -7.95 -9.22 48.22
CA PRO B 311 -6.68 -8.96 48.94
C PRO B 311 -5.44 -9.35 48.16
N GLU B 312 -5.54 -10.43 47.36
CA GLU B 312 -4.40 -10.85 46.54
C GLU B 312 -3.96 -9.77 45.57
N PHE B 313 -4.90 -8.97 45.08
CA PHE B 313 -4.56 -7.87 44.17
C PHE B 313 -3.73 -6.81 44.88
N TRP B 314 -4.18 -6.39 46.07
CA TRP B 314 -3.47 -5.33 46.78
C TRP B 314 -2.13 -5.83 47.29
N GLU B 315 -2.04 -7.07 47.74
CA GLU B 315 -0.75 -7.55 48.24
C GLU B 315 0.25 -7.82 47.12
N GLY B 316 -0.19 -8.29 45.95
CA GLY B 316 0.75 -8.66 44.90
C GLY B 316 1.08 -7.65 43.81
N SER B 317 0.28 -6.60 43.66
CA SER B 317 0.45 -5.70 42.53
C SER B 317 1.66 -4.79 42.69
N MET B 318 2.16 -4.29 41.55
CA MET B 318 3.22 -3.27 41.50
C MET B 318 2.56 -1.99 41.00
N LEU B 319 2.28 -1.06 41.93
CA LEU B 319 1.52 0.15 41.59
C LEU B 319 2.39 1.41 41.45
N GLU B 320 3.70 1.30 41.69
CA GLU B 320 4.64 2.40 41.54
C GLU B 320 5.94 1.86 40.98
N LYS B 321 6.70 2.71 40.30
CA LYS B 321 8.04 2.30 39.88
C LYS B 321 8.93 2.04 41.10
N PRO B 322 9.61 0.89 41.17
CA PRO B 322 10.44 0.60 42.35
C PRO B 322 11.55 1.62 42.59
N ALA B 323 11.72 1.99 43.85
CA ALA B 323 12.73 2.99 44.20
C ALA B 323 14.11 2.40 44.45
N ASP B 324 14.24 1.08 44.52
CA ASP B 324 15.54 0.46 44.67
C ASP B 324 16.31 0.49 43.36
N GLY B 325 15.84 1.32 42.41
CA GLY B 325 16.48 1.51 41.13
C GLY B 325 16.41 0.36 40.14
N ARG B 326 15.99 -0.84 40.56
CA ARG B 326 16.10 -2.02 39.71
C ARG B 326 15.25 -1.87 38.44
N GLU B 327 15.56 -2.68 37.43
CA GLU B 327 14.93 -2.55 36.11
C GLU B 327 13.59 -3.30 36.06
N VAL B 328 12.56 -2.64 35.54
CA VAL B 328 11.24 -3.24 35.37
C VAL B 328 10.70 -2.85 33.99
N VAL B 329 9.69 -3.59 33.54
CA VAL B 329 8.88 -3.16 32.39
C VAL B 329 7.83 -2.18 32.94
N CYS B 330 7.91 -0.92 32.55
CA CYS B 330 7.00 0.06 33.10
C CYS B 330 5.65 0.12 32.38
N HIS B 331 5.61 -0.19 31.08
CA HIS B 331 4.34 -0.14 30.34
C HIS B 331 3.22 -0.82 31.13
N ALA B 332 2.11 -0.11 31.30
CA ALA B 332 0.99 -0.57 32.14
C ALA B 332 0.33 -1.81 31.59
N SER B 333 0.06 -2.80 32.46
CA SER B 333 -0.61 -4.02 32.04
C SER B 333 -1.31 -4.70 33.21
N ALA B 334 -2.23 -5.60 32.87
CA ALA B 334 -3.03 -6.39 33.79
C ALA B 334 -2.83 -7.89 33.58
N TRP B 335 -2.92 -8.65 34.70
CA TRP B 335 -2.41 -10.02 34.78
C TRP B 335 -3.43 -10.98 35.39
N ASP B 336 -3.74 -12.07 34.66
CA ASP B 336 -4.55 -13.17 35.16
C ASP B 336 -3.63 -14.37 35.36
N PHE B 337 -3.56 -14.87 36.60
CA PHE B 337 -2.64 -15.99 36.88
C PHE B 337 -3.27 -17.35 36.63
N TYR B 338 -4.54 -17.40 36.22
CA TYR B 338 -5.26 -18.62 35.84
C TYR B 338 -5.37 -19.62 37.00
N ASN B 339 -5.35 -19.13 38.23
CA ASN B 339 -5.65 -19.97 39.39
C ASN B 339 -6.93 -19.49 40.11
N ARG B 340 -7.68 -18.58 39.49
CA ARG B 340 -8.92 -18.03 40.01
C ARG B 340 -8.74 -17.24 41.31
N LYS B 341 -7.50 -16.92 41.69
CA LYS B 341 -7.25 -16.22 42.96
C LYS B 341 -6.35 -15.01 42.80
N ASP B 342 -5.27 -15.13 42.04
CA ASP B 342 -4.29 -14.07 41.87
C ASP B 342 -4.57 -13.30 40.58
N PHE B 343 -4.63 -11.98 40.71
CA PHE B 343 -4.94 -11.02 39.66
C PHE B 343 -4.19 -9.75 40.07
N ARG B 344 -3.44 -9.13 39.14
CA ARG B 344 -2.54 -8.03 39.46
C ARG B 344 -2.43 -6.99 38.34
N ILE B 345 -2.13 -5.75 38.72
CA ILE B 345 -1.72 -4.70 37.78
C ILE B 345 -0.25 -4.37 38.05
N LYS B 346 0.48 -4.06 36.99
CA LYS B 346 1.89 -3.63 37.03
C LYS B 346 1.93 -2.33 36.24
N GLN B 347 2.00 -1.20 36.96
CA GLN B 347 1.97 0.15 36.38
C GLN B 347 2.94 1.06 37.13
N CYS B 348 3.76 1.82 36.38
CA CYS B 348 4.64 2.84 36.95
C CYS B 348 3.87 4.17 37.10
N THR B 349 2.86 4.11 37.97
CA THR B 349 1.83 5.15 38.09
C THR B 349 2.43 6.49 38.49
N ARG B 350 1.99 7.55 37.80
CA ARG B 350 2.30 8.94 38.10
C ARG B 350 0.99 9.65 38.45
N VAL B 351 1.07 10.71 39.26
CA VAL B 351 -0.13 11.42 39.75
C VAL B 351 -0.49 12.50 38.73
N THR B 352 -1.31 12.12 37.75
CA THR B 352 -1.92 13.02 36.79
C THR B 352 -3.33 12.51 36.47
N MET B 353 -4.15 13.38 35.88
CA MET B 353 -5.51 12.99 35.53
C MET B 353 -5.50 11.96 34.40
N GLU B 354 -4.64 12.15 33.41
CA GLU B 354 -4.47 11.20 32.32
C GLU B 354 -4.10 9.81 32.85
N GLN B 355 -3.20 9.75 33.84
CA GLN B 355 -2.88 8.46 34.49
C GLN B 355 -4.05 7.88 35.26
N LEU B 356 -4.94 8.73 35.79
CA LEU B 356 -6.14 8.22 36.46
C LEU B 356 -7.04 7.49 35.46
N VAL B 357 -7.09 7.97 34.21
CA VAL B 357 -7.84 7.25 33.18
C VAL B 357 -7.18 5.90 32.86
N VAL B 358 -5.85 5.85 32.77
CA VAL B 358 -5.15 4.59 32.54
C VAL B 358 -5.41 3.58 33.68
N VAL B 359 -5.45 4.05 34.93
CA VAL B 359 -5.80 3.21 36.07
C VAL B 359 -7.13 2.53 35.84
N HIS B 360 -8.11 3.29 35.32
CA HIS B 360 -9.41 2.69 35.03
C HIS B 360 -9.30 1.67 33.89
N HIS B 361 -8.52 1.99 32.83
CA HIS B 361 -8.31 1.07 31.70
C HIS B 361 -7.83 -0.29 32.20
N GLU B 362 -6.78 -0.29 33.03
CA GLU B 362 -6.22 -1.54 33.59
C GLU B 362 -7.19 -2.24 34.52
N MET B 363 -7.90 -1.50 35.36
CA MET B 363 -8.83 -2.13 36.30
C MET B 363 -10.01 -2.75 35.57
N GLY B 364 -10.40 -2.22 34.41
CA GLY B 364 -11.40 -2.87 33.59
C GLY B 364 -11.00 -4.27 33.16
N HIS B 365 -9.72 -4.48 32.88
CA HIS B 365 -9.20 -5.82 32.56
C HIS B 365 -9.38 -6.77 33.75
N ILE B 366 -9.01 -6.31 34.95
CA ILE B 366 -9.13 -7.13 36.14
C ILE B 366 -10.59 -7.52 36.37
N GLN B 367 -11.50 -6.56 36.24
CA GLN B 367 -12.91 -6.84 36.45
C GLN B 367 -13.42 -7.92 35.49
N TYR B 368 -13.00 -7.84 34.21
CA TYR B 368 -13.29 -8.91 33.25
C TYR B 368 -12.82 -10.27 33.81
N PHE B 369 -11.57 -10.31 34.32
CA PHE B 369 -11.00 -11.56 34.82
C PHE B 369 -11.84 -12.14 35.98
N LEU B 370 -12.30 -11.26 36.88
CA LEU B 370 -13.04 -11.69 38.06
C LEU B 370 -14.40 -12.28 37.68
N GLN B 371 -15.03 -11.73 36.65
CA GLN B 371 -16.38 -12.13 36.26
C GLN B 371 -16.40 -13.43 35.47
N TYR B 372 -15.33 -13.80 34.77
CA TYR B 372 -15.35 -15.02 33.96
C TYR B 372 -14.43 -16.13 34.49
N LYS B 373 -13.96 -16.00 35.74
CA LYS B 373 -12.92 -16.87 36.28
C LYS B 373 -13.36 -18.32 36.44
N ASP B 374 -14.65 -18.60 36.42
CA ASP B 374 -15.14 -19.98 36.54
C ASP B 374 -15.51 -20.60 35.19
N LEU B 375 -15.27 -19.93 34.08
CA LEU B 375 -15.38 -20.56 32.78
C LEU B 375 -14.18 -21.48 32.52
N PRO B 376 -14.33 -22.45 31.62
CA PRO B 376 -13.15 -23.19 31.13
C PRO B 376 -12.05 -22.23 30.70
N VAL B 377 -10.79 -22.61 30.94
CA VAL B 377 -9.68 -21.70 30.67
C VAL B 377 -9.74 -21.15 29.26
N SER B 378 -10.13 -22.00 28.28
CA SER B 378 -10.05 -21.59 26.88
C SER B 378 -10.99 -20.43 26.58
N LEU B 379 -12.03 -20.25 27.39
CA LEU B 379 -13.04 -19.22 27.22
C LEU B 379 -12.84 -18.02 28.14
N ARG B 380 -11.73 -17.95 28.86
CA ARG B 380 -11.42 -16.80 29.71
C ARG B 380 -10.69 -15.76 28.87
N GLU B 381 -11.44 -15.14 27.97
CA GLU B 381 -10.97 -14.10 27.06
C GLU B 381 -12.09 -13.11 26.83
N GLY B 382 -11.79 -12.03 26.15
CA GLY B 382 -12.83 -11.10 25.76
C GLY B 382 -13.65 -11.66 24.63
N ALA B 383 -14.87 -11.16 24.45
CA ALA B 383 -15.65 -11.64 23.31
C ALA B 383 -14.88 -11.45 22.01
N ASN B 384 -14.13 -10.34 21.92
CA ASN B 384 -12.94 -10.24 21.07
C ASN B 384 -11.96 -9.32 21.81
N PRO B 385 -10.73 -9.19 21.32
CA PRO B 385 -9.74 -8.40 22.10
C PRO B 385 -10.11 -6.91 22.26
N GLY B 386 -10.86 -6.33 21.33
CA GLY B 386 -11.31 -4.95 21.50
C GLY B 386 -12.26 -4.76 22.67
N PHE B 387 -13.16 -5.74 22.91
CA PHE B 387 -13.98 -5.70 24.11
C PHE B 387 -13.12 -5.53 25.37
N HIS B 388 -12.06 -6.34 25.51
CA HIS B 388 -11.24 -6.28 26.71
C HIS B 388 -10.64 -4.87 26.90
N GLU B 389 -10.15 -4.26 25.81
CA GLU B 389 -9.52 -2.94 25.97
C GLU B 389 -10.52 -1.81 26.24
N ALA B 390 -11.81 -2.02 25.95
CA ALA B 390 -12.82 -0.96 26.09
C ALA B 390 -13.47 -0.85 27.48
N ILE B 391 -13.43 -1.90 28.33
CA ILE B 391 -14.28 -1.92 29.53
C ILE B 391 -13.93 -0.75 30.46
N GLY B 392 -12.65 -0.61 30.79
CA GLY B 392 -12.25 0.44 31.71
C GLY B 392 -12.45 1.84 31.14
N ASP B 393 -12.18 2.00 29.83
CA ASP B 393 -12.38 3.28 29.15
C ASP B 393 -13.81 3.77 29.26
N VAL B 394 -14.79 2.84 29.16
CA VAL B 394 -16.19 3.24 29.24
C VAL B 394 -16.48 3.89 30.58
N LEU B 395 -16.06 3.26 31.69
CA LEU B 395 -16.25 3.88 33.00
C LEU B 395 -15.51 5.22 33.09
N ALA B 396 -14.29 5.30 32.52
CA ALA B 396 -13.55 6.56 32.59
C ALA B 396 -14.26 7.69 31.84
N LEU B 397 -15.10 7.37 30.85
CA LEU B 397 -15.87 8.42 30.18
C LEU B 397 -16.81 9.12 31.15
N SER B 398 -17.38 8.39 32.13
CA SER B 398 -18.24 9.03 33.14
C SER B 398 -17.39 9.82 34.13
N VAL B 399 -16.28 9.24 34.56
CA VAL B 399 -15.42 9.86 35.56
C VAL B 399 -14.92 11.21 35.10
N SER B 400 -14.65 11.35 33.79
CA SER B 400 -14.05 12.53 33.19
C SER B 400 -14.99 13.73 33.13
N THR B 401 -16.30 13.52 33.25
CA THR B 401 -17.21 14.65 33.09
C THR B 401 -16.97 15.69 34.19
N PRO B 402 -17.16 16.99 33.88
CA PRO B 402 -17.03 18.00 34.93
C PRO B 402 -17.95 17.76 36.12
N GLU B 403 -19.16 17.24 35.88
CA GLU B 403 -20.06 16.94 36.98
C GLU B 403 -19.50 15.83 37.89
N HIS B 404 -18.94 14.76 37.32
CA HIS B 404 -18.37 13.72 38.18
C HIS B 404 -17.11 14.23 38.90
N LEU B 405 -16.26 14.97 38.20
CA LEU B 405 -15.09 15.55 38.88
C LEU B 405 -15.53 16.40 40.06
N HIS B 406 -16.61 17.16 39.92
CA HIS B 406 -17.15 17.89 41.08
C HIS B 406 -17.49 16.93 42.22
N LYS B 407 -18.17 15.82 41.91
CA LYS B 407 -18.59 14.89 42.96
C LYS B 407 -17.41 14.32 43.75
N ILE B 408 -16.26 14.12 43.11
CA ILE B 408 -15.12 13.52 43.80
C ILE B 408 -14.12 14.58 44.26
N GLY B 409 -14.53 15.86 44.36
CA GLY B 409 -13.70 16.89 44.96
C GLY B 409 -12.60 17.46 44.10
N LEU B 410 -12.62 17.23 42.78
CA LEU B 410 -11.51 17.69 41.91
C LEU B 410 -11.88 18.90 41.06
N LEU B 411 -13.11 19.43 41.18
CA LEU B 411 -13.51 20.61 40.38
C LEU B 411 -14.59 21.37 41.16
N ASP B 412 -14.17 22.38 41.91
CA ASP B 412 -15.10 23.05 42.80
C ASP B 412 -16.17 23.85 42.04
N ARG B 413 -15.79 24.55 40.98
CA ARG B 413 -16.73 25.40 40.27
C ARG B 413 -17.63 24.62 39.29
N VAL B 414 -18.93 24.96 39.30
CA VAL B 414 -19.94 24.30 38.47
C VAL B 414 -20.48 25.27 37.42
N THR B 415 -20.43 24.87 36.13
CA THR B 415 -21.10 25.58 35.05
C THR B 415 -21.81 24.60 34.12
N ASN B 416 -22.79 25.11 33.38
CA ASN B 416 -23.46 24.35 32.32
C ASN B 416 -23.83 25.35 31.21
N ASP B 417 -22.93 25.52 30.25
CA ASP B 417 -23.14 26.52 29.21
C ASP B 417 -22.36 26.09 27.97
N THR B 418 -22.62 26.80 26.86
CA THR B 418 -22.08 26.36 25.57
C THR B 418 -20.55 26.42 25.53
N GLU B 419 -19.95 27.42 26.17
CA GLU B 419 -18.50 27.53 26.18
C GLU B 419 -17.86 26.39 26.95
N SER B 420 -18.44 26.05 28.10
CA SER B 420 -17.88 24.98 28.94
C SER B 420 -17.97 23.62 28.26
N ASP B 421 -19.05 23.37 27.51
CA ASP B 421 -19.17 22.14 26.72
C ASP B 421 -18.09 22.04 25.65
N ILE B 422 -17.81 23.15 24.96
CA ILE B 422 -16.77 23.14 23.93
C ILE B 422 -15.41 22.83 24.55
N ASN B 423 -15.10 23.45 25.70
CA ASN B 423 -13.83 23.14 26.36
C ASN B 423 -13.71 21.64 26.63
N TYR B 424 -14.76 21.06 27.23
CA TYR B 424 -14.73 19.65 27.64
C TYR B 424 -14.65 18.72 26.42
N LEU B 425 -15.45 18.99 25.40
CA LEU B 425 -15.42 18.11 24.21
C LEU B 425 -14.11 18.25 23.43
N LEU B 426 -13.51 19.44 23.42
CA LEU B 426 -12.20 19.59 22.79
C LEU B 426 -11.15 18.81 23.58
N LYS B 427 -11.16 18.91 24.90
CA LYS B 427 -10.19 18.16 25.70
C LYS B 427 -10.32 16.66 25.46
N MET B 428 -11.55 16.13 25.45
N MET B 428 -11.55 16.13 25.43
CA MET B 428 -11.76 14.70 25.17
CA MET B 428 -11.77 14.70 25.17
C MET B 428 -11.31 14.33 23.76
C MET B 428 -11.34 14.33 23.75
N ALA B 429 -11.60 15.20 22.77
CA ALA B 429 -11.20 14.93 21.39
C ALA B 429 -9.68 14.80 21.26
N LEU B 430 -8.92 15.59 22.04
CA LEU B 430 -7.46 15.50 21.96
C LEU B 430 -6.98 14.12 22.38
N ASP B 431 -7.76 13.41 23.18
CA ASP B 431 -7.44 12.02 23.51
C ASP B 431 -8.06 11.04 22.52
N LYS B 432 -9.37 11.11 22.31
CA LYS B 432 -10.07 10.05 21.59
C LYS B 432 -10.02 10.20 20.06
N ILE B 433 -10.12 11.43 19.52
CA ILE B 433 -10.08 11.61 18.08
C ILE B 433 -8.64 11.56 17.57
N ALA B 434 -7.69 12.18 18.29
CA ALA B 434 -6.31 12.21 17.80
C ALA B 434 -5.71 10.80 17.66
N PHE B 435 -6.16 9.88 18.51
CA PHE B 435 -5.58 8.53 18.54
C PHE B 435 -6.01 7.70 17.33
N LEU B 436 -7.17 8.01 16.76
CA LEU B 436 -7.76 7.12 15.75
C LEU B 436 -6.84 6.76 14.59
N PRO B 437 -6.16 7.71 13.91
CA PRO B 437 -5.23 7.29 12.84
C PRO B 437 -4.10 6.39 13.32
N PHE B 438 -3.56 6.64 14.52
CA PHE B 438 -2.52 5.78 15.07
C PHE B 438 -3.04 4.38 15.38
N GLY B 439 -4.23 4.31 16.03
CA GLY B 439 -4.81 3.02 16.33
C GLY B 439 -5.05 2.19 15.08
N TYR B 440 -5.35 2.84 13.95
CA TYR B 440 -5.59 2.14 12.67
C TYR B 440 -4.30 1.74 11.97
N LEU B 441 -3.24 2.57 12.01
CA LEU B 441 -2.10 2.35 11.11
C LEU B 441 -1.11 1.30 11.61
N VAL B 442 -0.98 1.12 12.93
CA VAL B 442 0.12 0.30 13.45
C VAL B 442 0.09 -1.11 12.88
N ASP B 443 -1.08 -1.78 12.94
CA ASP B 443 -1.13 -3.14 12.40
C ASP B 443 -1.28 -3.18 10.88
N GLN B 444 -1.63 -2.08 10.20
CA GLN B 444 -1.40 -2.04 8.76
C GLN B 444 0.08 -2.25 8.45
N TRP B 445 0.96 -1.62 9.22
CA TRP B 445 2.40 -1.80 9.02
C TRP B 445 2.81 -3.24 9.34
N ARG B 446 2.31 -3.79 10.45
CA ARG B 446 2.76 -5.11 10.88
C ARG B 446 2.21 -6.23 9.98
N TRP B 447 0.97 -6.08 9.49
CA TRP B 447 0.41 -7.03 8.54
C TRP B 447 1.20 -7.05 7.22
N GLY B 448 1.65 -5.89 6.75
CA GLY B 448 2.50 -5.86 5.56
C GLY B 448 3.84 -6.51 5.78
N VAL B 449 4.39 -6.40 6.98
CA VAL B 449 5.65 -7.07 7.33
C VAL B 449 5.46 -8.58 7.38
N PHE B 450 4.41 -9.06 8.08
CA PHE B 450 4.16 -10.48 8.17
C PHE B 450 3.92 -11.10 6.78
N SER B 451 3.24 -10.38 5.90
CA SER B 451 2.89 -10.89 4.57
C SER B 451 4.05 -10.86 3.58
N GLY B 452 5.15 -10.19 3.90
CA GLY B 452 6.23 -9.98 2.96
C GLY B 452 6.10 -8.76 2.06
N ARG B 453 4.96 -8.06 2.07
CA ARG B 453 4.84 -6.84 1.28
C ARG B 453 5.87 -5.79 1.69
N THR B 454 6.21 -5.73 2.98
CA THR B 454 7.23 -4.83 3.50
C THR B 454 8.43 -5.63 4.00
N PRO B 455 9.51 -5.74 3.21
CA PRO B 455 10.69 -6.47 3.66
C PRO B 455 11.54 -5.59 4.55
N PRO B 456 12.52 -6.17 5.24
CA PRO B 456 13.44 -5.35 6.05
C PRO B 456 13.99 -4.12 5.34
N SER B 457 14.24 -4.20 4.03
CA SER B 457 14.77 -3.09 3.26
C SER B 457 13.82 -1.89 3.20
N ARG B 458 12.55 -2.06 3.64
CA ARG B 458 11.59 -0.97 3.60
C ARG B 458 10.86 -0.79 4.94
N TYR B 459 11.38 -1.37 6.03
CA TYR B 459 10.74 -1.20 7.35
C TYR B 459 10.44 0.28 7.65
N ASN B 460 11.43 1.17 7.47
CA ASN B 460 11.23 2.56 7.93
C ASN B 460 10.53 3.40 6.88
N PHE B 461 10.88 3.21 5.60
CA PHE B 461 10.19 3.84 4.47
C PHE B 461 8.67 3.62 4.57
N ASP B 462 8.25 2.38 4.81
CA ASP B 462 6.83 2.07 4.88
C ASP B 462 6.20 2.54 6.21
N TRP B 463 6.95 2.54 7.31
CA TRP B 463 6.42 3.12 8.55
C TRP B 463 6.08 4.59 8.38
N TRP B 464 7.03 5.38 7.86
CA TRP B 464 6.79 6.82 7.72
C TRP B 464 5.82 7.14 6.60
N TYR B 465 5.69 6.27 5.58
CA TYR B 465 4.60 6.41 4.63
C TYR B 465 3.24 6.39 5.34
N LEU B 466 3.04 5.43 6.24
CA LEU B 466 1.76 5.29 6.95
C LEU B 466 1.57 6.41 7.99
N ARG B 467 2.64 6.80 8.69
CA ARG B 467 2.53 7.86 9.68
C ARG B 467 2.12 9.18 9.03
N THR B 468 2.70 9.50 7.85
CA THR B 468 2.27 10.70 7.13
C THR B 468 0.86 10.53 6.54
N LYS B 469 0.56 9.40 5.91
CA LYS B 469 -0.75 9.21 5.28
C LYS B 469 -1.90 9.42 6.27
N TYR B 470 -1.80 8.79 7.43
CA TYR B 470 -2.92 8.79 8.40
C TYR B 470 -2.81 9.91 9.44
N GLN B 471 -1.67 10.08 10.08
CA GLN B 471 -1.57 11.13 11.12
C GLN B 471 -1.14 12.50 10.61
N GLY B 472 -0.59 12.62 9.40
CA GLY B 472 -0.13 13.95 8.96
C GLY B 472 0.95 14.53 9.85
N ILE B 473 1.93 13.71 10.20
CA ILE B 473 3.13 14.13 10.92
C ILE B 473 4.35 13.75 10.09
N CYS B 474 5.48 14.37 10.41
CA CYS B 474 6.76 14.07 9.76
C CYS B 474 7.85 14.01 10.82
N PRO B 475 8.90 13.20 10.60
CA PRO B 475 9.97 13.12 11.59
C PRO B 475 10.77 14.42 11.60
N PRO B 476 11.18 14.90 12.78
CA PRO B 476 11.85 16.22 12.87
C PRO B 476 13.35 16.17 12.60
N VAL B 477 13.93 14.98 12.42
CA VAL B 477 15.28 14.81 11.88
C VAL B 477 15.20 13.75 10.79
N THR B 478 16.19 13.77 9.90
CA THR B 478 16.22 12.84 8.79
C THR B 478 16.39 11.41 9.27
N ARG B 479 15.63 10.49 8.68
CA ARG B 479 15.74 9.06 8.97
C ARG B 479 16.11 8.29 7.70
N ASN B 480 16.76 7.15 7.89
CA ASN B 480 17.03 6.20 6.80
C ASN B 480 16.80 4.76 7.32
N GLU B 481 17.12 3.76 6.48
CA GLU B 481 16.78 2.37 6.84
C GLU B 481 17.72 1.78 7.89
N THR B 482 18.71 2.54 8.34
CA THR B 482 19.42 2.16 9.56
C THR B 482 18.51 2.32 10.78
N HIS B 483 17.58 3.27 10.72
CA HIS B 483 16.62 3.47 11.80
C HIS B 483 15.45 2.50 11.70
N PHE B 484 14.84 2.18 12.87
CA PHE B 484 13.75 1.22 12.96
C PHE B 484 12.75 1.81 13.96
N ASP B 485 12.07 2.88 13.52
CA ASP B 485 11.25 3.71 14.40
C ASP B 485 9.99 2.99 14.85
N ALA B 486 9.50 2.01 14.09
CA ALA B 486 8.40 1.20 14.60
C ALA B 486 8.80 0.46 15.87
N GLY B 487 10.06 0.10 16.00
CA GLY B 487 10.50 -0.65 17.16
C GLY B 487 10.54 0.15 18.45
N ALA B 488 10.40 1.47 18.36
CA ALA B 488 10.42 2.34 19.54
C ALA B 488 9.04 2.52 20.17
N LYS B 489 8.05 1.75 19.74
CA LYS B 489 6.72 1.68 20.32
C LYS B 489 6.57 0.34 21.04
N PHE B 490 6.20 0.37 22.34
CA PHE B 490 6.17 -0.84 23.18
C PHE B 490 5.63 -2.09 22.48
N HIS B 491 4.47 -1.99 21.84
CA HIS B 491 3.75 -3.15 21.36
C HIS B 491 4.47 -3.94 20.27
N VAL B 492 5.42 -3.33 19.56
CA VAL B 492 6.13 -4.00 18.45
C VAL B 492 7.15 -4.98 19.02
N PRO B 493 8.18 -4.54 19.75
CA PRO B 493 9.09 -5.54 20.37
C PRO B 493 8.41 -6.48 21.36
N ASN B 494 7.32 -6.07 22.02
CA ASN B 494 6.65 -6.93 22.98
C ASN B 494 5.52 -7.74 22.36
N VAL B 495 5.41 -7.75 21.02
CA VAL B 495 4.48 -8.57 20.26
C VAL B 495 3.06 -8.58 20.81
N THR B 496 2.47 -7.40 20.99
CA THR B 496 1.09 -7.23 21.38
C THR B 496 0.34 -6.61 20.22
N PRO B 497 -0.72 -7.25 19.70
CA PRO B 497 -1.47 -6.67 18.58
C PRO B 497 -2.12 -5.34 18.92
N TYR B 498 -2.41 -4.54 17.88
CA TYR B 498 -2.82 -3.14 18.05
C TYR B 498 -4.20 -2.79 17.53
N ILE B 499 -4.71 -3.49 16.51
CA ILE B 499 -6.00 -3.09 15.96
C ILE B 499 -7.11 -3.16 17.01
N ARG B 500 -6.92 -3.97 18.04
CA ARG B 500 -7.87 -3.99 19.17
C ARG B 500 -8.13 -2.60 19.76
N TYR B 501 -7.15 -1.68 19.68
CA TYR B 501 -7.35 -0.34 20.24
C TYR B 501 -8.20 0.54 19.33
N PHE B 502 -8.08 0.39 18.01
CA PHE B 502 -9.00 1.06 17.10
C PHE B 502 -10.44 0.57 17.31
N VAL B 503 -10.61 -0.75 17.41
CA VAL B 503 -11.92 -1.34 17.70
C VAL B 503 -12.47 -0.80 19.02
N SER B 504 -11.62 -0.75 20.06
CA SER B 504 -12.05 -0.29 21.39
C SER B 504 -12.53 1.16 21.35
N PHE B 505 -11.83 2.02 20.63
CA PHE B 505 -12.16 3.45 20.69
C PHE B 505 -13.51 3.75 20.02
N VAL B 506 -13.90 2.92 19.04
CA VAL B 506 -15.25 2.98 18.47
C VAL B 506 -16.26 2.35 19.42
N LEU B 507 -15.95 1.13 19.87
CA LEU B 507 -16.83 0.35 20.72
C LEU B 507 -17.21 1.08 22.00
N GLN B 508 -16.24 1.77 22.62
CA GLN B 508 -16.55 2.34 23.94
C GLN B 508 -17.69 3.35 23.89
N PHE B 509 -17.87 4.07 22.76
CA PHE B 509 -19.00 5.00 22.64
C PHE B 509 -20.31 4.26 22.40
N GLN B 510 -20.28 3.13 21.68
CA GLN B 510 -21.47 2.29 21.61
C GLN B 510 -21.86 1.76 23.00
N PHE B 511 -20.90 1.30 23.81
CA PHE B 511 -21.22 0.84 25.16
C PHE B 511 -21.75 1.98 26.03
N HIS B 512 -21.14 3.17 25.93
CA HIS B 512 -21.53 4.30 26.77
C HIS B 512 -22.99 4.69 26.51
N GLU B 513 -23.37 4.76 25.23
CA GLU B 513 -24.73 5.12 24.85
C GLU B 513 -25.74 4.12 25.41
N ALA B 514 -25.45 2.81 25.25
CA ALA B 514 -26.36 1.78 25.76
C ALA B 514 -26.47 1.81 27.29
N LEU B 515 -25.36 2.06 27.99
CA LEU B 515 -25.41 2.03 29.45
C LEU B 515 -26.09 3.28 30.00
N CYS B 516 -25.89 4.41 29.34
CA CYS B 516 -26.59 5.64 29.73
C CYS B 516 -28.10 5.47 29.55
N LYS B 517 -28.53 4.86 28.45
CA LYS B 517 -29.96 4.62 28.27
C LYS B 517 -30.51 3.71 29.37
N GLU B 518 -29.81 2.62 29.67
CA GLU B 518 -30.26 1.67 30.68
C GLU B 518 -30.32 2.31 32.07
N ALA B 519 -29.43 3.26 32.36
CA ALA B 519 -29.46 3.98 33.62
C ALA B 519 -30.64 4.94 33.74
N GLY B 520 -31.40 5.15 32.67
CA GLY B 520 -32.47 6.12 32.69
C GLY B 520 -32.06 7.55 32.46
N TYR B 521 -30.87 7.79 31.89
CA TYR B 521 -30.39 9.15 31.70
C TYR B 521 -30.96 9.73 30.41
N GLU B 522 -31.41 11.00 30.48
CA GLU B 522 -32.13 11.62 29.37
C GLU B 522 -31.53 12.92 28.83
N GLY B 523 -30.39 13.39 29.36
CA GLY B 523 -29.72 14.55 28.82
C GLY B 523 -28.74 14.28 27.68
N PRO B 524 -27.90 15.27 27.36
CA PRO B 524 -26.92 15.08 26.28
C PRO B 524 -25.92 13.97 26.60
N LEU B 525 -25.59 13.17 25.57
CA LEU B 525 -24.77 11.98 25.81
C LEU B 525 -23.46 12.34 26.52
N HIS B 526 -22.82 13.46 26.15
CA HIS B 526 -21.52 13.79 26.70
C HIS B 526 -21.56 14.31 28.13
N GLN B 527 -22.75 14.44 28.75
CA GLN B 527 -22.91 14.80 30.16
C GLN B 527 -23.41 13.62 31.01
N CYS B 528 -23.55 12.44 30.43
CA CYS B 528 -23.97 11.25 31.18
C CYS B 528 -22.90 10.83 32.19
N ASP B 529 -23.33 10.40 33.38
CA ASP B 529 -22.48 9.74 34.38
C ASP B 529 -23.25 8.54 34.92
N ILE B 530 -22.75 7.31 34.71
CA ILE B 530 -23.50 6.14 35.15
C ILE B 530 -23.16 5.74 36.59
N TYR B 531 -22.37 6.56 37.31
CA TYR B 531 -22.08 6.32 38.72
C TYR B 531 -23.34 5.95 39.51
N ARG B 532 -23.23 4.88 40.29
CA ARG B 532 -24.28 4.37 41.18
C ARG B 532 -25.50 3.82 40.44
N SER B 533 -25.41 3.56 39.13
CA SER B 533 -26.51 2.92 38.42
C SER B 533 -26.35 1.40 38.50
N THR B 534 -27.14 0.76 39.38
CA THR B 534 -27.08 -0.70 39.49
C THR B 534 -27.66 -1.37 38.24
N LYS B 535 -28.59 -0.72 37.53
CA LYS B 535 -29.10 -1.30 36.29
C LYS B 535 -28.05 -1.25 35.16
N ALA B 536 -27.28 -0.16 35.06
CA ALA B 536 -26.16 -0.14 34.11
C ALA B 536 -25.14 -1.22 34.47
N GLY B 537 -24.84 -1.38 35.75
CA GLY B 537 -23.88 -2.39 36.19
C GLY B 537 -24.29 -3.80 35.79
N ALA B 538 -25.58 -4.11 35.92
CA ALA B 538 -26.05 -5.46 35.59
C ALA B 538 -25.95 -5.75 34.10
N LYS B 539 -26.19 -4.74 33.26
CA LYS B 539 -26.08 -4.92 31.82
C LYS B 539 -24.64 -5.12 31.38
N LEU B 540 -23.70 -4.41 32.02
CA LEU B 540 -22.29 -4.65 31.75
C LEU B 540 -21.85 -6.03 32.27
N ARG B 541 -22.32 -6.41 33.48
N ARG B 541 -22.32 -6.43 33.46
CA ARG B 541 -21.97 -7.71 34.06
CA ARG B 541 -21.90 -7.72 34.04
C ARG B 541 -22.22 -8.85 33.09
C ARG B 541 -22.24 -8.87 33.11
N LYS B 542 -23.35 -8.79 32.37
CA LYS B 542 -23.67 -9.85 31.42
C LYS B 542 -22.56 -10.01 30.39
N VAL B 543 -22.06 -8.90 29.84
CA VAL B 543 -20.96 -8.98 28.87
C VAL B 543 -19.76 -9.69 29.50
N LEU B 544 -19.36 -9.22 30.69
CA LEU B 544 -18.11 -9.69 31.27
C LEU B 544 -18.17 -11.20 31.57
N ARG B 545 -19.31 -11.68 32.09
CA ARG B 545 -19.43 -13.10 32.48
C ARG B 545 -19.49 -14.05 31.27
N ALA B 546 -19.74 -13.54 30.06
CA ALA B 546 -19.77 -14.40 28.88
C ALA B 546 -18.40 -14.86 28.40
N GLY B 547 -17.33 -14.15 28.77
CA GLY B 547 -16.02 -14.38 28.17
C GLY B 547 -16.11 -14.51 26.66
N SER B 548 -15.44 -15.54 26.10
CA SER B 548 -15.52 -15.86 24.67
C SER B 548 -16.40 -17.06 24.40
N SER B 549 -17.36 -17.32 25.29
CA SER B 549 -18.26 -18.47 25.10
C SER B 549 -19.19 -18.30 23.92
N ARG B 550 -19.50 -17.07 23.52
CA ARG B 550 -20.41 -16.80 22.43
C ARG B 550 -19.81 -15.83 21.41
N PRO B 551 -20.31 -15.86 20.16
CA PRO B 551 -19.81 -14.92 19.14
C PRO B 551 -20.00 -13.48 19.58
N TRP B 552 -18.98 -12.65 19.35
CA TRP B 552 -19.01 -11.27 19.82
C TRP B 552 -20.15 -10.48 19.19
N GLN B 553 -20.54 -10.84 17.97
CA GLN B 553 -21.63 -10.15 17.29
C GLN B 553 -22.96 -10.32 18.04
N GLU B 554 -23.17 -11.46 18.70
CA GLU B 554 -24.39 -11.70 19.46
C GLU B 554 -24.34 -11.09 20.87
N VAL B 555 -23.17 -11.09 21.50
CA VAL B 555 -23.01 -10.41 22.78
C VAL B 555 -23.24 -8.90 22.59
N LEU B 556 -22.68 -8.33 21.52
CA LEU B 556 -22.89 -6.90 21.23
C LEU B 556 -24.38 -6.61 21.05
N LYS B 557 -25.08 -7.43 20.25
CA LYS B 557 -26.49 -7.18 19.97
C LYS B 557 -27.32 -7.19 21.25
N ASP B 558 -27.09 -8.17 22.13
CA ASP B 558 -27.79 -8.20 23.41
C ASP B 558 -27.56 -6.91 24.19
N MET B 559 -26.40 -6.25 24.01
CA MET B 559 -26.07 -5.13 24.89
C MET B 559 -26.53 -3.80 24.32
N VAL B 560 -26.26 -3.53 23.05
CA VAL B 560 -26.52 -2.22 22.45
C VAL B 560 -27.59 -2.27 21.38
N GLY B 561 -28.04 -3.46 20.98
CA GLY B 561 -29.13 -3.60 20.03
C GLY B 561 -28.70 -3.75 18.60
N LEU B 562 -27.39 -3.85 18.35
CA LEU B 562 -26.81 -3.87 17.02
C LEU B 562 -25.71 -4.92 17.00
N ASP B 563 -25.57 -5.65 15.90
CA ASP B 563 -24.62 -6.75 15.84
C ASP B 563 -23.31 -6.40 15.10
N ALA B 564 -23.01 -5.10 14.93
CA ALA B 564 -21.78 -4.68 14.26
C ALA B 564 -21.18 -3.44 14.92
N LEU B 565 -19.91 -3.20 14.61
CA LEU B 565 -19.25 -1.95 14.97
C LEU B 565 -19.94 -0.79 14.24
N ASP B 566 -20.13 0.33 14.93
CA ASP B 566 -20.86 1.47 14.38
C ASP B 566 -20.27 2.78 14.91
N ALA B 567 -19.91 3.70 14.01
CA ALA B 567 -19.30 4.98 14.38
C ALA B 567 -20.32 6.02 14.84
N GLN B 568 -21.61 5.78 14.66
CA GLN B 568 -22.59 6.83 14.94
C GLN B 568 -22.62 7.26 16.41
N PRO B 569 -22.53 6.37 17.43
CA PRO B 569 -22.48 6.88 18.81
C PRO B 569 -21.33 7.83 19.07
N LEU B 570 -20.13 7.54 18.55
CA LEU B 570 -19.01 8.46 18.69
C LEU B 570 -19.30 9.80 18.01
N LEU B 571 -19.86 9.77 16.80
CA LEU B 571 -20.18 11.02 16.10
C LEU B 571 -21.20 11.84 16.88
N LYS B 572 -22.20 11.19 17.48
CA LYS B 572 -23.21 11.89 18.25
C LYS B 572 -22.62 12.51 19.51
N TYR B 573 -21.71 11.81 20.18
CA TYR B 573 -21.04 12.34 21.37
C TYR B 573 -20.33 13.67 21.07
N PHE B 574 -19.59 13.73 19.96
CA PHE B 574 -18.68 14.84 19.64
C PHE B 574 -19.31 15.94 18.77
N GLN B 575 -20.59 15.82 18.43
CA GLN B 575 -21.20 16.67 17.39
C GLN B 575 -20.95 18.16 17.61
N LEU B 576 -21.12 18.64 18.84
CA LEU B 576 -21.00 20.09 19.07
C LEU B 576 -19.60 20.59 18.74
N VAL B 577 -18.57 19.84 19.09
CA VAL B 577 -17.22 20.33 18.85
C VAL B 577 -16.76 20.02 17.41
N THR B 578 -17.32 18.98 16.79
CA THR B 578 -17.12 18.78 15.36
C THR B 578 -17.58 20.00 14.56
N GLN B 579 -18.79 20.48 14.86
CA GLN B 579 -19.31 21.68 14.20
C GLN B 579 -18.47 22.92 14.52
N TRP B 580 -18.09 23.09 15.79
CA TRP B 580 -17.31 24.27 16.17
C TRP B 580 -15.94 24.31 15.49
N LEU B 581 -15.23 23.16 15.47
CA LEU B 581 -13.93 23.12 14.80
C LEU B 581 -14.03 23.41 13.30
N GLN B 582 -15.07 22.88 12.66
CA GLN B 582 -15.28 23.15 11.24
C GLN B 582 -15.49 24.65 11.00
N GLU B 583 -16.23 25.32 11.89
CA GLU B 583 -16.43 26.77 11.76
C GLU B 583 -15.13 27.54 11.99
N GLN B 584 -14.36 27.20 13.02
CA GLN B 584 -13.12 27.92 13.29
C GLN B 584 -12.14 27.82 12.13
N ASN B 585 -11.96 26.60 11.59
CA ASN B 585 -11.03 26.41 10.47
C ASN B 585 -11.50 27.17 9.22
N GLN B 586 -12.80 27.17 8.96
CA GLN B 586 -13.30 27.89 7.80
C GLN B 586 -13.07 29.40 7.95
N GLN B 587 -13.35 29.95 9.12
N GLN B 587 -13.39 29.95 9.12
CA GLN B 587 -13.17 31.38 9.35
CA GLN B 587 -13.16 31.36 9.40
C GLN B 587 -11.70 31.77 9.40
C GLN B 587 -11.69 31.73 9.28
N ASN B 588 -10.79 30.82 9.64
CA ASN B 588 -9.35 31.07 9.50
C ASN B 588 -8.80 30.69 8.13
N GLY B 589 -9.63 30.18 7.22
CA GLY B 589 -9.15 29.78 5.91
C GLY B 589 -8.07 28.73 5.92
N GLU B 590 -8.19 27.74 6.80
CA GLU B 590 -7.22 26.66 6.83
C GLU B 590 -7.34 25.76 5.59
N VAL B 591 -6.22 25.13 5.26
CA VAL B 591 -6.20 23.96 4.39
C VAL B 591 -6.35 22.71 5.25
N LEU B 592 -7.37 21.89 4.95
CA LEU B 592 -7.53 20.61 5.62
C LEU B 592 -6.66 19.56 4.95
N GLY B 593 -5.80 18.92 5.72
CA GLY B 593 -4.80 18.01 5.17
C GLY B 593 -3.41 18.63 5.13
N TRP B 594 -2.51 17.93 4.43
CA TRP B 594 -1.10 18.30 4.35
C TRP B 594 -0.59 18.12 2.92
N PRO B 595 -1.07 18.94 1.97
CA PRO B 595 -0.68 18.76 0.56
C PRO B 595 0.81 18.93 0.27
N GLU B 596 1.56 19.66 1.10
CA GLU B 596 3.03 19.67 0.98
C GLU B 596 3.60 18.48 1.77
N TYR B 597 3.42 17.29 1.21
CA TYR B 597 3.72 16.03 1.88
C TYR B 597 5.20 15.76 2.01
N GLN B 598 6.06 16.48 1.27
CA GLN B 598 7.51 16.32 1.33
C GLN B 598 8.16 17.12 2.46
N TRP B 599 7.45 18.04 3.08
CA TRP B 599 8.07 19.03 3.96
C TRP B 599 8.54 18.42 5.28
N HIS B 600 9.74 18.82 5.71
CA HIS B 600 10.27 18.50 7.03
C HIS B 600 10.86 19.78 7.64
N PRO B 601 10.83 19.93 8.97
CA PRO B 601 11.36 21.16 9.57
C PRO B 601 12.88 21.20 9.51
N PRO B 602 13.49 22.37 9.61
CA PRO B 602 14.95 22.44 9.75
C PRO B 602 15.39 22.17 11.18
N LEU B 603 16.70 22.01 11.34
CA LEU B 603 17.26 21.83 12.67
C LEU B 603 17.39 23.16 13.41
N PRO B 604 17.41 23.13 14.74
CA PRO B 604 17.75 24.35 15.50
C PRO B 604 19.25 24.62 15.44
N ASP B 605 19.60 25.86 15.72
CA ASP B 605 20.99 26.32 15.64
C ASP B 605 21.89 25.53 16.60
N ASN B 606 23.08 25.20 16.11
CA ASN B 606 24.12 24.47 16.85
C ASN B 606 23.61 23.14 17.40
N TYR B 607 22.51 22.59 16.88
CA TYR B 607 21.96 21.38 17.47
C TYR B 607 22.94 20.21 17.27
N PRO B 608 23.15 19.36 18.30
CA PRO B 608 22.56 19.35 19.65
C PRO B 608 23.37 20.05 20.73
N GLU B 609 24.30 20.95 20.37
CA GLU B 609 25.21 21.53 21.35
C GLU B 609 24.59 22.68 22.15
N GLY B 610 23.57 23.35 21.62
CA GLY B 610 23.04 24.54 22.29
C GLY B 610 22.01 24.25 23.37
N ILE B 611 22.07 23.09 23.97
CA ILE B 611 21.18 22.73 25.07
C ILE B 611 22.02 22.74 26.33
N ASP B 612 21.66 23.58 27.29
CA ASP B 612 22.48 23.79 28.48
C ASP B 612 21.54 23.82 29.68
N LEU B 613 21.28 22.63 30.22
CA LEU B 613 20.41 22.47 31.39
C LEU B 613 20.90 23.30 32.56
N VAL B 614 19.94 23.78 33.36
CA VAL B 614 20.22 24.47 34.61
C VAL B 614 19.44 23.78 35.72
#